data_1VBB
#
_entry.id   1VBB
#
_cell.length_a   321.060
_cell.length_b   358.620
_cell.length_c   381.820
_cell.angle_alpha   90.00
_cell.angle_beta   90.00
_cell.angle_gamma   90.00
#
_symmetry.space_group_name_H-M   'I 2 2 2'
#
loop_
_entity.id
_entity.type
_entity.pdbx_description
1 polymer 'POLIOVIRUS TYPE 3'
2 polymer 'POLIOVIRUS TYPE 3'
3 polymer 'POLIOVIRUS TYPE 3'
4 polymer 'POLIOVIRUS TYPE 3'
5 polymer 'POLIOVIRUS TYPE 3'
6 non-polymer '(METHYLPYRIDAZINE PIPERIDINE BUTYLOXYPHENYL)ETHYLACETATE'
7 non-polymer 'MYRISTIC ACID'
#
loop_
_entity_poly.entity_id
_entity_poly.type
_entity_poly.pdbx_seq_one_letter_code
_entity_poly.pdbx_strand_id
1 'polypeptide(L)' ISEV 0
2 'polypeptide(L)'
;GIEDLISEVAQGALTLSLPKQQDSLPDTKASGPAHSKEVPALTAVETGATNPLAPSDTVQTRHVVQRRSRSESTIESFFA
RGACVAIIEVDNEQPTTRAQKLFAMWRITYKDTVQLRRKLEFFTYSRFDMEFTFVVTANFTNANNGHALNQVYQIMYIPP
GAPTPKSWDDYTWQTSSNPSIFYTYGAAPARISVPYVGLANAYSHFYDGFAKVPLKTDANDQIGDSLYSAMTVDDFGVLA
VRVVNDHNPTKVTSKVRIYMKPKHVRVWCPRPPRAVPYYGPGVDYRNNLDPLSEKGLTTY
;
1
3 'polypeptide(L)'
;SPNVEACGYSDRVLQLTLGNSTITTQEAANSVVAYGRWPEFIRDDEANPVDQPTEPDVATCRFYTLDTVMWGKESKGWWW
KLPDALRDMGLFGQNMYYHYLGRSGYTVHVQCNASKFHQGALGVFAIPEYCLAGDSDKQRYTSYANANPGERGGKFYSQF
NKDNAVTSPKREFCPVDYLLGCGVLLGNAFVYPHQIINLRTNNSATIVLPYVNALAIDSMVKHNNWGIAILPLSPLDFAQ
DSSVEIPITVTIAPMCSEFNGLRNVTAPKFQ
;
2
4 'polypeptide(L)'
;GLPVLNTPGSNQYLTSDNHQSPCAIPEFDVTPPIDIPGEVKNMMELAEIDTMIPLNLESTKRNTMDMYRVTLSDSADLSQ
PILCLSLSPAFDPRLSHTMLGEVLNYYTHWAGSLKFTFLFCGSMMATGKILVAYAPPGAQPPTSRKEAMLGTHVIWDLGL
QSSCTMVVPWISNVTYRQTTQDSFTEGGYISMFYQTRIVVPLSTPKSMSMLGFVSACNDFSVRLLRDTTHISQSA
;
3
5 'polypeptide(L)' GAQVSSQKVGAHENSNRAYGGSTINYTTINYYKDSASNAASKQDYSQDPSKFTEPLKDVLIKTAPALN 4
#
loop_
_chem_comp.id
_chem_comp.type
_chem_comp.name
_chem_comp.formula
J80 non-polymer '(METHYLPYRIDAZINE PIPERIDINE BUTYLOXYPHENYL)ETHYLACETATE' 'C23 H31 N3 O3'
MYR non-polymer 'MYRISTIC ACID' 'C14 H28 O2'
#
# COMPACT_ATOMS: atom_id res chain seq x y z
N ILE A 1 10.55 41.16 5.97
CA ILE A 1 9.72 39.96 6.16
C ILE A 1 9.14 39.38 4.88
N SER A 2 8.58 38.16 4.98
CA SER A 2 7.93 37.49 3.86
C SER A 2 6.49 37.09 4.22
N GLU A 3 5.76 37.86 5.04
CA GLU A 3 4.35 37.56 5.43
C GLU A 3 3.46 36.89 4.35
N VAL A 4 3.17 35.57 4.39
CA VAL A 4 2.39 34.95 3.30
C VAL A 4 0.96 35.44 3.15
N GLN B 22 -9.18 28.38 3.73
CA GLN B 22 -10.11 27.23 3.76
C GLN B 22 -9.60 25.90 3.15
N ASP B 23 -9.99 24.83 3.81
CA ASP B 23 -9.57 23.50 3.43
C ASP B 23 -10.67 22.49 3.80
N SER B 24 -11.87 23.03 3.95
CA SER B 24 -12.98 22.21 4.34
C SER B 24 -13.48 21.36 3.19
N LEU B 25 -14.14 20.29 3.56
CA LEU B 25 -14.69 19.35 2.62
C LEU B 25 -15.95 19.85 1.92
N PRO B 26 -16.39 19.34 0.75
CA PRO B 26 -17.54 19.83 0.03
C PRO B 26 -18.83 19.81 0.85
N ASP B 27 -19.66 20.81 0.62
CA ASP B 27 -20.97 20.86 1.25
C ASP B 27 -21.93 19.83 0.72
N THR B 28 -22.87 19.42 1.55
CA THR B 28 -23.94 18.56 1.08
C THR B 28 -25.02 19.42 0.44
N LYS B 29 -25.33 19.03 -0.80
CA LYS B 29 -26.38 19.69 -1.54
C LYS B 29 -27.78 19.21 -1.23
N ALA B 30 -28.74 20.12 -1.26
CA ALA B 30 -30.11 19.72 -1.05
C ALA B 30 -30.59 18.97 -2.29
N SER B 31 -31.05 17.76 -2.08
CA SER B 31 -31.53 16.95 -3.18
C SER B 31 -32.90 16.37 -2.91
N GLY B 32 -33.78 16.51 -3.88
CA GLY B 32 -35.16 16.07 -3.77
C GLY B 32 -35.50 14.75 -4.47
N PRO B 33 -36.79 14.40 -4.67
CA PRO B 33 -37.22 13.13 -5.24
C PRO B 33 -36.76 12.91 -6.67
N ALA B 34 -36.66 11.69 -7.16
CA ALA B 34 -36.30 11.46 -8.55
C ALA B 34 -37.11 10.38 -9.28
N HIS B 35 -37.44 10.58 -10.55
CA HIS B 35 -38.05 9.53 -11.38
C HIS B 35 -37.37 9.65 -12.75
N SER B 36 -36.17 9.12 -12.95
CA SER B 36 -35.46 9.35 -14.21
C SER B 36 -34.71 8.19 -14.85
N LYS B 37 -34.24 8.41 -16.08
CA LYS B 37 -33.36 7.48 -16.76
C LYS B 37 -31.89 7.53 -16.32
N GLU B 38 -31.55 8.49 -15.47
CA GLU B 38 -30.20 8.57 -14.90
C GLU B 38 -30.10 7.66 -13.68
N VAL B 39 -29.16 6.70 -13.72
CA VAL B 39 -29.09 5.74 -12.62
C VAL B 39 -27.73 5.67 -11.92
N PRO B 40 -27.33 6.65 -11.08
CA PRO B 40 -26.03 6.67 -10.39
C PRO B 40 -25.76 5.43 -9.52
N ALA B 41 -26.84 4.89 -8.96
CA ALA B 41 -26.80 3.73 -8.10
C ALA B 41 -26.35 2.44 -8.77
N LEU B 42 -26.46 2.35 -10.09
CA LEU B 42 -25.98 1.17 -10.81
C LEU B 42 -24.63 1.40 -11.46
N THR B 43 -23.79 0.40 -11.45
CA THR B 43 -22.45 0.50 -12.00
C THR B 43 -21.81 -0.84 -12.39
N ALA B 44 -20.54 -0.84 -12.78
CA ALA B 44 -19.82 -2.06 -13.11
C ALA B 44 -18.37 -2.03 -12.61
N VAL B 45 -18.08 -2.52 -11.40
CA VAL B 45 -16.73 -2.49 -10.82
C VAL B 45 -15.61 -3.18 -11.61
N GLU B 46 -15.99 -3.95 -12.61
CA GLU B 46 -15.09 -4.66 -13.52
C GLU B 46 -14.12 -3.72 -14.24
N THR B 47 -14.61 -2.51 -14.48
CA THR B 47 -13.83 -1.46 -15.13
C THR B 47 -12.59 -1.03 -14.38
N GLY B 48 -12.50 -1.33 -13.11
CA GLY B 48 -11.41 -0.88 -12.29
C GLY B 48 -11.76 0.39 -11.50
N ALA B 49 -12.93 0.96 -11.72
CA ALA B 49 -13.32 2.19 -11.07
C ALA B 49 -14.21 2.13 -9.84
N THR B 50 -14.02 3.07 -8.92
CA THR B 50 -14.86 3.22 -7.74
C THR B 50 -15.98 4.19 -8.10
N ASN B 51 -17.23 3.83 -7.85
CA ASN B 51 -18.39 4.67 -8.17
C ASN B 51 -18.40 6.00 -7.39
N PRO B 52 -18.34 7.18 -8.03
CA PRO B 52 -18.09 8.47 -7.37
C PRO B 52 -19.34 8.99 -6.62
N LEU B 53 -20.10 8.20 -5.89
CA LEU B 53 -21.34 8.68 -5.34
C LEU B 53 -21.34 9.42 -4.01
N ALA B 54 -22.31 10.28 -3.93
CA ALA B 54 -22.59 11.10 -2.76
C ALA B 54 -23.96 10.76 -2.18
N PRO B 55 -24.31 10.97 -0.89
CA PRO B 55 -25.66 10.72 -0.36
C PRO B 55 -26.83 11.21 -1.19
N SER B 56 -26.69 12.35 -1.82
CA SER B 56 -27.72 12.91 -2.69
C SER B 56 -28.01 12.20 -4.00
N ASP B 57 -27.21 11.21 -4.37
CA ASP B 57 -27.45 10.41 -5.55
C ASP B 57 -28.41 9.27 -5.35
N THR B 58 -28.62 8.92 -4.10
CA THR B 58 -29.46 7.78 -3.73
C THR B 58 -30.52 8.08 -2.67
N VAL B 59 -30.36 9.10 -1.84
CA VAL B 59 -31.40 9.49 -0.87
C VAL B 59 -31.66 11.00 -0.93
N GLN B 60 -32.83 11.47 -0.49
CA GLN B 60 -33.07 12.91 -0.39
C GLN B 60 -32.24 13.57 0.70
N THR B 61 -31.50 14.59 0.32
CA THR B 61 -30.60 15.28 1.26
C THR B 61 -30.92 16.74 1.53
N ARG B 62 -30.50 17.25 2.67
CA ARG B 62 -30.65 18.68 2.94
C ARG B 62 -29.37 19.46 2.60
N HIS B 63 -29.39 20.79 2.62
CA HIS B 63 -28.15 21.52 2.43
C HIS B 63 -27.36 21.58 3.75
N VAL B 64 -26.13 21.09 3.72
CA VAL B 64 -25.26 21.20 4.88
C VAL B 64 -24.01 22.01 4.54
N VAL B 65 -23.74 23.09 5.24
CA VAL B 65 -22.52 23.87 5.06
C VAL B 65 -21.43 23.11 5.82
N GLN B 66 -20.53 22.46 5.10
CA GLN B 66 -19.51 21.63 5.74
C GLN B 66 -18.26 22.32 6.24
N ARG B 67 -17.92 22.11 7.49
CA ARG B 67 -16.71 22.71 8.03
C ARG B 67 -15.58 21.76 8.34
N ARG B 68 -15.80 20.46 8.32
CA ARG B 68 -14.75 19.47 8.55
C ARG B 68 -13.60 19.51 7.54
N SER B 69 -12.42 19.05 7.92
CA SER B 69 -11.29 19.07 7.01
C SER B 69 -10.36 17.89 7.21
N ARG B 70 -9.54 17.63 6.20
CA ARG B 70 -8.58 16.55 6.24
C ARG B 70 -7.17 16.96 6.64
N SER B 71 -7.07 18.01 7.45
CA SER B 71 -5.78 18.55 7.92
C SER B 71 -4.85 17.58 8.63
N GLU B 72 -5.38 16.73 9.48
CA GLU B 72 -4.58 15.76 10.21
C GLU B 72 -4.27 14.48 9.47
N SER B 73 -4.91 14.20 8.34
CA SER B 73 -4.59 13.02 7.56
C SER B 73 -3.74 13.28 6.32
N THR B 74 -3.14 14.46 6.22
CA THR B 74 -2.20 14.77 5.15
C THR B 74 -0.93 13.93 5.33
N ILE B 75 -0.15 13.59 4.29
CA ILE B 75 1.03 12.75 4.44
C ILE B 75 2.00 13.20 5.53
N GLU B 76 2.27 14.49 5.59
CA GLU B 76 3.14 15.09 6.61
C GLU B 76 2.56 14.86 8.01
N SER B 77 1.29 15.15 8.21
CA SER B 77 0.63 14.96 9.50
C SER B 77 0.57 13.51 9.96
N PHE B 78 0.45 12.58 9.03
CA PHE B 78 0.44 11.16 9.33
C PHE B 78 1.77 10.62 9.86
N PHE B 79 2.87 11.10 9.31
CA PHE B 79 4.22 10.73 9.75
C PHE B 79 4.86 11.72 10.73
N ALA B 80 4.23 12.87 11.03
CA ALA B 80 4.81 13.91 11.89
C ALA B 80 4.90 13.61 13.38
N ARG B 81 5.67 12.58 13.69
CA ARG B 81 5.73 12.03 15.03
C ARG B 81 7.09 11.30 15.17
N GLY B 82 7.84 11.49 16.26
CA GLY B 82 9.08 10.78 16.47
C GLY B 82 8.91 9.33 16.94
N ALA B 83 9.21 8.35 16.10
CA ALA B 83 9.05 6.94 16.40
C ALA B 83 10.28 6.14 16.83
N CYS B 84 10.21 5.33 17.89
CA CYS B 84 11.35 4.52 18.35
C CYS B 84 11.84 3.45 17.36
N VAL B 85 13.01 3.60 16.76
CA VAL B 85 13.52 2.63 15.81
C VAL B 85 14.68 1.72 16.30
N ALA B 86 15.29 2.09 17.42
CA ALA B 86 16.38 1.33 18.01
C ALA B 86 16.72 1.56 19.50
N ILE B 87 17.13 0.49 20.20
CA ILE B 87 17.62 0.60 21.58
C ILE B 87 19.07 0.12 21.62
N ILE B 88 20.04 1.01 21.58
CA ILE B 88 21.44 0.64 21.63
C ILE B 88 21.97 0.61 23.05
N GLU B 89 22.54 -0.48 23.46
CA GLU B 89 23.11 -0.61 24.80
C GLU B 89 24.63 -0.56 24.82
N VAL B 90 25.16 0.29 25.67
CA VAL B 90 26.59 0.45 25.81
C VAL B 90 27.01 0.48 27.29
N ASP B 91 28.05 -0.27 27.62
CA ASP B 91 28.59 -0.28 28.96
C ASP B 91 29.82 0.58 29.15
N ASN B 92 29.99 1.06 30.35
CA ASN B 92 31.21 1.74 30.74
C ASN B 92 31.75 1.04 31.98
N GLU B 93 32.82 0.29 31.72
CA GLU B 93 33.45 -0.49 32.77
C GLU B 93 34.91 -0.82 32.49
N GLN B 94 35.58 -1.36 33.49
CA GLN B 94 36.99 -1.77 33.40
C GLN B 94 37.29 -2.61 32.16
N PRO B 95 38.02 -2.18 31.13
CA PRO B 95 38.29 -2.96 29.91
C PRO B 95 39.00 -4.22 30.35
N THR B 96 38.21 -5.28 30.47
CA THR B 96 38.84 -6.56 30.81
C THR B 96 39.31 -7.25 29.52
N THR B 97 39.13 -8.54 29.28
CA THR B 97 39.69 -9.18 28.08
C THR B 97 38.84 -10.38 27.69
N ARG B 98 37.68 -10.04 27.16
CA ARG B 98 36.65 -11.00 26.73
C ARG B 98 35.52 -10.16 26.09
N ALA B 99 34.65 -10.71 25.23
CA ALA B 99 33.62 -9.89 24.57
C ALA B 99 32.82 -8.96 25.49
N GLN B 100 33.04 -7.65 25.38
CA GLN B 100 32.32 -6.69 26.23
C GLN B 100 31.43 -5.70 25.45
N LYS B 101 30.78 -4.75 26.14
CA LYS B 101 30.03 -3.71 25.44
C LYS B 101 30.60 -2.29 25.63
N LEU B 102 31.92 -2.10 25.62
CA LEU B 102 32.46 -0.75 25.82
C LEU B 102 32.12 0.24 24.70
N PHE B 103 31.74 -0.32 23.58
CA PHE B 103 31.17 0.38 22.47
C PHE B 103 30.22 -0.52 21.70
N ALA B 104 29.29 0.08 20.98
CA ALA B 104 28.30 -0.63 20.20
C ALA B 104 28.06 -0.06 18.81
N MET B 105 27.59 -0.88 17.87
CA MET B 105 27.26 -0.41 16.52
C MET B 105 25.85 -0.82 16.07
N TRP B 106 25.12 0.06 15.40
CA TRP B 106 23.79 -0.26 14.89
C TRP B 106 23.66 0.12 13.42
N ARG B 107 23.22 -0.79 12.56
CA ARG B 107 22.93 -0.46 11.15
C ARG B 107 21.67 0.39 11.09
N ILE B 108 21.75 1.59 10.52
CA ILE B 108 20.59 2.46 10.47
C ILE B 108 19.46 1.89 9.63
N THR B 109 18.32 1.73 10.27
CA THR B 109 17.14 1.19 9.62
C THR B 109 15.82 1.49 10.31
N TYR B 110 14.68 1.44 9.61
CA TYR B 110 13.40 1.51 10.31
C TYR B 110 12.80 0.11 10.52
N LYS B 111 13.54 -0.94 10.16
CA LYS B 111 13.06 -2.31 10.26
C LYS B 111 13.34 -3.15 11.51
N ASP B 112 13.96 -2.64 12.57
CA ASP B 112 14.12 -3.41 13.80
C ASP B 112 12.91 -3.32 14.73
N THR B 113 12.07 -2.38 14.39
CA THR B 113 10.84 -2.02 15.08
C THR B 113 9.68 -2.30 14.13
N VAL B 114 8.45 -2.44 14.56
CA VAL B 114 7.35 -2.64 13.62
C VAL B 114 6.43 -1.46 13.33
N GLN B 115 6.16 -0.60 14.31
CA GLN B 115 5.18 0.49 14.14
C GLN B 115 5.37 1.52 13.02
N LEU B 116 6.53 2.17 12.96
CA LEU B 116 6.84 3.07 11.85
C LEU B 116 7.01 2.29 10.54
N ARG B 117 7.64 1.11 10.56
CA ARG B 117 7.78 0.27 9.38
C ARG B 117 6.46 0.07 8.65
N ARG B 118 5.40 -0.26 9.41
CA ARG B 118 4.07 -0.48 8.84
C ARG B 118 3.48 0.78 8.24
N LYS B 119 3.68 1.91 8.87
CA LYS B 119 3.22 3.21 8.36
C LYS B 119 3.91 3.59 7.06
N LEU B 120 5.24 3.50 6.99
CA LEU B 120 5.99 3.78 5.77
C LEU B 120 5.61 2.87 4.61
N GLU B 121 5.28 1.62 4.94
CA GLU B 121 4.90 0.63 3.95
C GLU B 121 3.49 0.64 3.38
N PHE B 122 2.71 1.68 3.67
CA PHE B 122 1.47 1.94 2.94
C PHE B 122 1.76 2.41 1.52
N PHE B 123 3.01 2.78 1.32
CA PHE B 123 3.54 3.35 0.10
C PHE B 123 4.76 2.60 -0.46
N THR B 124 4.89 2.51 -1.78
CA THR B 124 6.01 1.83 -2.41
C THR B 124 7.31 2.63 -2.35
N TYR B 125 7.21 3.91 -2.67
CA TYR B 125 8.38 4.81 -2.69
C TYR B 125 8.18 6.02 -1.83
N SER B 126 9.27 6.54 -1.28
CA SER B 126 9.18 7.76 -0.49
C SER B 126 10.36 8.67 -0.68
N ARG B 127 10.23 9.92 -0.31
CA ARG B 127 11.32 10.86 -0.36
C ARG B 127 11.14 11.83 0.78
N PHE B 128 12.14 12.00 1.65
CA PHE B 128 12.06 12.88 2.81
C PHE B 128 13.38 13.19 3.51
N ASP B 129 13.36 14.22 4.34
CA ASP B 129 14.46 14.54 5.23
C ASP B 129 14.24 13.79 6.55
N MET B 130 15.26 13.45 7.32
CA MET B 130 15.04 12.65 8.52
C MET B 130 15.56 13.30 9.79
N GLU B 131 14.72 13.41 10.81
CA GLU B 131 15.12 13.98 12.08
C GLU B 131 15.40 12.91 13.15
N PHE B 132 16.60 12.84 13.69
CA PHE B 132 16.94 11.89 14.75
C PHE B 132 17.05 12.49 16.14
N THR B 133 16.29 11.93 17.08
CA THR B 133 16.37 12.37 18.47
C THR B 133 16.83 11.24 19.36
N PHE B 134 17.78 11.51 20.23
CA PHE B 134 18.40 10.48 21.09
C PHE B 134 18.15 10.61 22.57
N VAL B 135 17.38 9.69 23.17
CA VAL B 135 17.15 9.67 24.61
C VAL B 135 18.14 8.71 25.28
N VAL B 136 18.96 9.21 26.19
CA VAL B 136 19.95 8.39 26.87
C VAL B 136 19.65 8.19 28.35
N THR B 137 19.56 6.96 28.76
CA THR B 137 19.31 6.62 30.16
C THR B 137 20.42 5.74 30.69
N ALA B 138 20.74 5.82 31.96
CA ALA B 138 21.74 4.96 32.57
C ALA B 138 21.43 4.50 33.97
N ASN B 139 22.12 3.47 34.42
CA ASN B 139 22.00 3.00 35.80
C ASN B 139 23.17 2.20 36.32
N PHE B 140 23.20 2.06 37.64
CA PHE B 140 24.26 1.28 38.28
C PHE B 140 23.93 -0.19 38.17
N THR B 141 24.88 -0.93 37.60
CA THR B 141 24.68 -2.36 37.42
C THR B 141 24.75 -3.22 38.68
N ASN B 142 25.60 -2.85 39.62
CA ASN B 142 25.83 -3.66 40.82
C ASN B 142 25.48 -2.99 42.15
N ALA B 143 25.15 -3.81 43.15
CA ALA B 143 24.83 -3.34 44.51
C ALA B 143 25.69 -2.19 45.07
N ASN B 144 27.05 -2.25 44.97
CA ASN B 144 27.95 -1.11 45.25
C ASN B 144 29.50 -1.21 45.37
N ASN B 145 30.16 -0.34 44.58
CA ASN B 145 31.61 -0.04 44.73
C ASN B 145 31.79 1.50 44.56
N GLY B 146 31.51 2.40 45.51
CA GLY B 146 31.68 3.84 45.20
C GLY B 146 30.71 4.34 44.09
N HIS B 147 30.93 5.43 43.33
CA HIS B 147 29.94 5.92 42.33
C HIS B 147 30.54 6.36 40.98
N ALA B 148 29.84 7.18 40.19
CA ALA B 148 30.37 7.59 38.91
C ALA B 148 30.13 9.05 38.56
N LEU B 149 31.13 9.73 38.06
CA LEU B 149 30.94 11.10 37.67
C LEU B 149 30.20 11.15 36.33
N ASN B 150 29.45 12.21 36.04
CA ASN B 150 28.64 12.30 34.84
C ASN B 150 29.26 11.89 33.51
N GLN B 151 28.56 11.10 32.71
CA GLN B 151 29.13 10.64 31.45
C GLN B 151 28.78 11.40 30.19
N VAL B 152 29.79 11.52 29.34
CA VAL B 152 29.62 12.07 28.00
C VAL B 152 29.63 10.89 27.01
N TYR B 153 28.65 10.83 26.13
CA TYR B 153 28.51 9.80 25.11
C TYR B 153 28.91 10.27 23.71
N GLN B 154 29.63 9.45 22.93
CA GLN B 154 29.91 9.79 21.54
C GLN B 154 29.13 8.86 20.61
N ILE B 155 28.28 9.50 19.81
CA ILE B 155 27.52 8.84 18.77
C ILE B 155 28.17 9.25 17.44
N MET B 156 28.88 8.33 16.81
CA MET B 156 29.53 8.57 15.53
C MET B 156 28.86 7.90 14.33
N TYR B 157 28.58 8.63 13.26
CA TYR B 157 28.07 8.01 12.05
C TYR B 157 29.20 7.52 11.16
N ILE B 158 29.18 6.24 10.81
CA ILE B 158 30.17 5.68 9.92
C ILE B 158 29.48 5.30 8.61
N PRO B 159 29.60 6.14 7.57
CA PRO B 159 29.05 5.86 6.26
C PRO B 159 29.72 4.64 5.59
N PRO B 160 29.11 3.87 4.69
CA PRO B 160 29.79 2.75 4.05
C PRO B 160 31.10 3.08 3.35
N GLY B 161 32.13 2.33 3.70
CA GLY B 161 33.46 2.55 3.20
C GLY B 161 34.41 3.00 4.28
N ALA B 162 33.91 3.76 5.23
CA ALA B 162 34.73 4.26 6.32
C ALA B 162 35.24 3.22 7.33
N PRO B 163 36.44 3.34 7.89
CA PRO B 163 36.96 2.41 8.88
C PRO B 163 36.04 2.23 10.10
N THR B 164 35.58 1.03 10.41
CA THR B 164 34.81 0.79 11.62
C THR B 164 35.67 0.51 12.84
N PRO B 165 35.36 0.99 14.05
CA PRO B 165 36.14 0.75 15.26
C PRO B 165 36.31 -0.70 15.69
N LYS B 166 37.50 -1.10 16.10
CA LYS B 166 37.69 -2.41 16.72
C LYS B 166 37.79 -2.32 18.24
N SER B 167 38.00 -1.12 18.74
CA SER B 167 38.27 -0.89 20.15
C SER B 167 37.57 0.37 20.65
N TRP B 168 37.10 0.51 21.91
CA TRP B 168 36.35 1.70 22.30
C TRP B 168 37.13 3.01 22.19
N ASP B 169 38.47 3.00 22.28
CA ASP B 169 39.20 4.24 22.10
C ASP B 169 40.29 4.19 21.02
N ASP B 170 40.05 3.52 19.89
CA ASP B 170 41.05 3.51 18.83
C ASP B 170 40.99 4.74 17.92
N TYR B 171 41.88 4.89 16.93
CA TYR B 171 41.90 6.10 16.10
C TYR B 171 40.62 6.47 15.37
N THR B 172 39.72 5.56 15.01
CA THR B 172 38.52 5.94 14.26
C THR B 172 37.64 6.96 14.98
N TRP B 173 37.62 6.90 16.31
CA TRP B 173 36.85 7.84 17.12
C TRP B 173 37.34 9.27 17.00
N GLN B 174 38.52 9.48 16.39
CA GLN B 174 39.06 10.82 16.08
C GLN B 174 38.12 11.65 15.24
N THR B 175 37.26 10.93 14.50
CA THR B 175 36.15 11.48 13.73
C THR B 175 36.39 12.73 12.89
N SER B 176 37.52 12.82 12.22
CA SER B 176 37.85 14.03 11.45
C SER B 176 36.94 14.43 10.31
N SER B 177 36.29 13.43 9.76
CA SER B 177 35.40 13.65 8.63
C SER B 177 34.02 13.07 8.84
N ASN B 178 33.89 11.95 9.50
CA ASN B 178 32.58 11.41 9.90
C ASN B 178 31.87 12.37 10.84
N PRO B 179 30.54 12.57 10.80
CA PRO B 179 29.84 13.41 11.76
C PRO B 179 29.73 12.68 13.10
N SER B 180 30.07 13.34 14.20
CA SER B 180 29.81 12.81 15.54
C SER B 180 29.00 13.72 16.48
N ILE B 181 28.13 13.14 17.31
CA ILE B 181 27.48 13.87 18.40
C ILE B 181 28.10 13.52 19.76
N PHE B 182 28.49 14.55 20.51
CA PHE B 182 28.88 14.39 21.89
C PHE B 182 27.76 14.81 22.83
N TYR B 183 27.11 13.81 23.42
CA TYR B 183 25.99 14.02 24.31
C TYR B 183 26.36 13.97 25.79
N THR B 184 26.02 14.98 26.57
CA THR B 184 26.27 14.97 28.02
C THR B 184 25.08 14.39 28.76
N TYR B 185 25.25 13.34 29.55
CA TYR B 185 24.14 12.74 30.31
C TYR B 185 23.38 13.75 31.15
N GLY B 186 22.07 13.75 31.04
CA GLY B 186 21.27 14.67 31.83
C GLY B 186 20.82 15.89 31.05
N ALA B 187 21.49 16.18 29.95
CA ALA B 187 21.11 17.26 29.08
C ALA B 187 19.87 16.96 28.28
N ALA B 188 19.18 17.94 27.70
CA ALA B 188 18.01 17.67 26.87
C ALA B 188 18.33 16.65 25.79
N PRO B 189 17.48 15.70 25.40
CA PRO B 189 17.83 14.70 24.40
C PRO B 189 18.42 15.26 23.12
N ALA B 190 19.49 14.63 22.66
CA ALA B 190 20.18 15.09 21.45
C ALA B 190 19.37 15.07 20.16
N ARG B 191 19.53 16.04 19.29
CA ARG B 191 18.78 16.08 18.04
C ARG B 191 19.52 16.61 16.82
N ILE B 192 19.49 15.83 15.74
CA ILE B 192 20.04 16.28 14.47
C ILE B 192 19.11 16.01 13.29
N SER B 193 19.37 16.63 12.16
CA SER B 193 18.64 16.40 10.92
C SER B 193 19.54 15.87 9.83
N VAL B 194 19.02 14.98 9.00
CA VAL B 194 19.73 14.35 7.90
C VAL B 194 19.02 14.69 6.60
N PRO B 195 19.73 15.09 5.52
CA PRO B 195 19.13 15.37 4.22
C PRO B 195 18.58 14.11 3.54
N TYR B 196 17.87 14.20 2.42
CA TYR B 196 17.49 13.03 1.65
C TYR B 196 18.77 12.46 1.03
N VAL B 197 19.19 11.28 1.43
CA VAL B 197 20.48 10.74 1.01
C VAL B 197 20.53 9.53 0.11
N GLY B 198 19.42 9.27 -0.55
CA GLY B 198 19.29 8.12 -1.42
C GLY B 198 20.08 8.16 -2.72
N LEU B 199 20.57 7.00 -3.16
CA LEU B 199 21.26 6.86 -4.45
C LEU B 199 20.30 6.98 -5.64
N ALA B 200 19.02 6.81 -5.38
CA ALA B 200 17.98 6.95 -6.37
C ALA B 200 17.18 8.24 -6.22
N ASN B 201 16.18 8.49 -7.06
CA ASN B 201 15.36 9.68 -6.91
C ASN B 201 14.34 9.60 -5.80
N ALA B 202 14.11 8.38 -5.35
CA ALA B 202 13.24 8.10 -4.21
C ALA B 202 13.72 6.87 -3.46
N TYR B 203 13.42 6.76 -2.18
CA TYR B 203 13.66 5.56 -1.40
C TYR B 203 12.71 4.44 -1.78
N SER B 204 13.20 3.24 -2.05
CA SER B 204 12.38 2.09 -2.35
C SER B 204 12.00 1.32 -1.11
N HIS B 205 10.76 1.36 -0.64
CA HIS B 205 10.38 0.55 0.51
C HIS B 205 10.30 -0.93 0.13
N PHE B 206 10.16 -1.18 -1.17
CA PHE B 206 10.08 -2.50 -1.77
C PHE B 206 10.93 -2.61 -3.03
N TYR B 207 11.73 -3.65 -3.17
CA TYR B 207 12.55 -3.86 -4.35
C TYR B 207 12.43 -5.27 -4.87
N ASP B 208 11.59 -5.49 -5.86
CA ASP B 208 11.50 -6.81 -6.47
C ASP B 208 12.65 -7.09 -7.42
N GLY B 209 13.78 -7.41 -6.83
CA GLY B 209 14.96 -7.75 -7.57
C GLY B 209 16.12 -8.25 -6.73
N PHE B 210 17.25 -8.35 -7.42
CA PHE B 210 18.50 -8.81 -6.87
C PHE B 210 19.64 -7.82 -7.10
N ALA B 211 20.66 -7.89 -6.26
CA ALA B 211 21.89 -7.11 -6.44
C ALA B 211 22.86 -7.77 -7.42
N LYS B 212 22.74 -9.07 -7.65
CA LYS B 212 23.58 -9.82 -8.59
C LYS B 212 22.79 -10.80 -9.45
N VAL B 213 23.30 -11.10 -10.65
CA VAL B 213 22.70 -12.10 -11.50
C VAL B 213 23.65 -13.28 -11.75
N PRO B 214 23.24 -14.53 -11.51
CA PRO B 214 24.00 -15.72 -11.88
C PRO B 214 24.21 -15.82 -13.38
N LEU B 215 25.43 -15.90 -13.89
CA LEU B 215 25.63 -16.04 -15.34
C LEU B 215 26.03 -17.44 -15.75
N LYS B 216 25.56 -18.00 -16.86
CA LYS B 216 25.98 -19.31 -17.37
C LYS B 216 27.49 -19.61 -17.38
N THR B 217 28.33 -18.58 -17.47
CA THR B 217 29.76 -18.75 -17.49
C THR B 217 30.45 -18.60 -16.14
N ASP B 218 29.73 -18.47 -15.04
CA ASP B 218 30.34 -18.36 -13.72
C ASP B 218 31.01 -19.63 -13.21
N ALA B 219 32.11 -19.52 -12.46
CA ALA B 219 32.81 -20.67 -11.92
C ALA B 219 32.02 -21.47 -10.89
N ASN B 220 31.92 -21.02 -9.63
CA ASN B 220 31.00 -21.63 -8.68
C ASN B 220 29.64 -21.00 -8.88
N ASP B 221 28.47 -21.61 -8.59
CA ASP B 221 27.27 -20.79 -8.70
C ASP B 221 26.91 -20.03 -7.43
N GLN B 222 27.95 -19.52 -6.77
CA GLN B 222 27.81 -18.68 -5.59
C GLN B 222 28.23 -17.25 -5.93
N ILE B 223 29.09 -17.11 -6.95
CA ILE B 223 29.52 -15.82 -7.51
C ILE B 223 28.33 -14.88 -7.71
N GLY B 224 27.27 -15.42 -8.28
CA GLY B 224 26.10 -14.63 -8.61
C GLY B 224 24.94 -14.73 -7.64
N ASP B 225 25.13 -15.29 -6.44
CA ASP B 225 24.06 -15.42 -5.50
C ASP B 225 23.84 -14.15 -4.68
N SER B 226 22.59 -13.86 -4.38
CA SER B 226 22.16 -12.64 -3.70
C SER B 226 20.92 -12.81 -2.92
N LEU B 227 20.70 -11.94 -1.94
CA LEU B 227 19.43 -11.99 -1.21
C LEU B 227 18.30 -11.35 -1.99
N TYR B 228 17.18 -12.02 -2.13
CA TYR B 228 16.01 -11.46 -2.78
C TYR B 228 15.52 -10.19 -2.05
N SER B 229 15.24 -9.12 -2.81
CA SER B 229 14.78 -7.85 -2.28
C SER B 229 15.86 -6.95 -1.73
N ALA B 230 17.02 -7.47 -1.36
CA ALA B 230 18.09 -6.64 -0.86
C ALA B 230 18.86 -5.90 -1.95
N MET B 231 19.20 -4.65 -1.67
CA MET B 231 19.93 -3.82 -2.63
C MET B 231 21.42 -3.67 -2.32
N THR B 232 21.87 -2.66 -1.60
CA THR B 232 23.28 -2.54 -1.23
C THR B 232 23.59 -3.33 0.03
N VAL B 233 24.81 -3.85 0.19
CA VAL B 233 25.19 -4.61 1.39
C VAL B 233 25.11 -3.80 2.68
N ASP B 234 25.64 -2.58 2.70
CA ASP B 234 25.58 -1.78 3.93
C ASP B 234 24.43 -0.80 4.03
N ASP B 235 23.49 -0.78 3.06
CA ASP B 235 22.46 0.23 3.04
C ASP B 235 22.99 1.67 3.30
N PHE B 236 22.85 2.19 4.51
CA PHE B 236 23.23 3.55 4.84
C PHE B 236 24.31 3.67 5.92
N GLY B 237 25.01 2.58 6.22
CA GLY B 237 26.01 2.63 7.27
C GLY B 237 25.51 2.38 8.69
N VAL B 238 26.38 2.74 9.63
CA VAL B 238 26.13 2.49 11.04
C VAL B 238 26.32 3.66 12.00
N LEU B 239 25.67 3.57 13.14
CA LEU B 239 25.97 4.50 14.23
C LEU B 239 26.80 3.74 15.26
N ALA B 240 28.03 4.20 15.46
CA ALA B 240 28.88 3.66 16.50
C ALA B 240 28.72 4.51 17.75
N VAL B 241 28.42 3.87 18.88
CA VAL B 241 28.19 4.55 20.14
C VAL B 241 29.18 4.12 21.21
N ARG B 242 29.71 5.08 21.96
CA ARG B 242 30.56 4.77 23.10
C ARG B 242 30.45 5.77 24.25
N VAL B 243 30.89 5.40 25.44
CA VAL B 243 30.99 6.36 26.53
C VAL B 243 32.41 6.92 26.46
N VAL B 244 32.61 8.22 26.33
CA VAL B 244 33.96 8.79 26.19
C VAL B 244 34.77 8.69 27.48
N ASN B 245 34.06 8.71 28.60
CA ASN B 245 34.66 8.54 29.92
C ASN B 245 35.47 7.27 30.15
N ASP B 246 36.64 7.43 30.74
CA ASP B 246 37.38 6.29 31.24
C ASP B 246 36.56 5.64 32.34
N HIS B 247 36.59 4.33 32.45
CA HIS B 247 35.78 3.66 33.45
C HIS B 247 35.95 3.99 34.92
N ASN B 248 34.82 4.20 35.59
CA ASN B 248 34.80 4.23 37.05
C ASN B 248 35.12 2.84 37.65
N PRO B 249 35.34 2.67 38.95
CA PRO B 249 35.58 1.34 39.55
C PRO B 249 34.28 0.51 39.46
N THR B 250 33.18 1.19 39.70
CA THR B 250 31.86 0.60 39.57
C THR B 250 31.30 0.70 38.16
N LYS B 251 30.67 -0.36 37.67
CA LYS B 251 30.09 -0.35 36.34
C LYS B 251 28.78 0.41 36.14
N VAL B 252 28.75 1.22 35.09
CA VAL B 252 27.53 1.93 34.68
C VAL B 252 27.02 1.39 33.34
N THR B 253 25.78 0.92 33.32
CA THR B 253 25.19 0.46 32.05
C THR B 253 24.28 1.52 31.48
N SER B 254 24.41 1.80 30.18
CA SER B 254 23.57 2.80 29.52
C SER B 254 22.80 2.33 28.29
N LYS B 255 21.62 2.89 28.09
CA LYS B 255 20.86 2.66 26.85
C LYS B 255 20.54 3.94 26.10
N VAL B 256 20.82 3.93 24.81
CA VAL B 256 20.50 5.02 23.89
C VAL B 256 19.30 4.63 23.02
N ARG B 257 18.17 5.28 23.27
CA ARG B 257 16.99 5.08 22.46
C ARG B 257 16.90 6.09 21.31
N ILE B 258 16.79 5.57 20.10
CA ILE B 258 16.72 6.39 18.89
C ILE B 258 15.34 6.58 18.30
N TYR B 259 14.90 7.81 18.29
CA TYR B 259 13.60 8.19 17.74
C TYR B 259 13.76 8.87 16.39
N MET B 260 13.09 8.32 15.42
CA MET B 260 13.15 8.76 14.04
C MET B 260 11.88 9.44 13.56
N LYS B 261 11.99 10.61 12.94
CA LYS B 261 10.85 11.27 12.33
C LYS B 261 11.14 11.70 10.90
N PRO B 262 10.39 11.20 9.91
CA PRO B 262 10.47 11.70 8.54
C PRO B 262 9.87 13.09 8.39
N LYS B 263 10.59 14.08 7.91
CA LYS B 263 10.02 15.40 7.64
C LYS B 263 10.20 15.87 6.22
N HIS B 264 9.29 16.72 5.74
CA HIS B 264 9.24 17.24 4.36
C HIS B 264 9.04 16.05 3.40
N VAL B 265 8.01 15.30 3.73
CA VAL B 265 7.65 14.02 3.13
C VAL B 265 6.83 14.00 1.85
N ARG B 266 7.27 13.14 0.93
CA ARG B 266 6.52 12.80 -0.27
C ARG B 266 6.48 11.28 -0.47
N VAL B 267 5.35 10.73 -0.87
CA VAL B 267 5.16 9.29 -1.08
C VAL B 267 4.44 8.92 -2.37
N TRP B 268 4.85 7.81 -2.95
CA TRP B 268 4.28 7.29 -4.19
C TRP B 268 3.85 5.82 -4.10
N CYS B 269 2.88 5.51 -4.96
CA CYS B 269 2.27 4.21 -5.16
C CYS B 269 1.76 3.45 -3.93
N PRO B 270 0.50 3.66 -3.53
CA PRO B 270 -0.08 3.01 -2.35
C PRO B 270 -0.10 1.48 -2.37
N ARG B 271 -0.04 0.91 -1.20
CA ARG B 271 0.03 -0.53 -0.99
C ARG B 271 -0.92 -0.99 0.12
N PRO B 272 -1.43 -2.20 0.13
CA PRO B 272 -2.10 -2.76 1.27
C PRO B 272 -1.20 -2.86 2.50
N PRO B 273 -1.69 -2.50 3.70
CA PRO B 273 -0.91 -2.58 4.91
C PRO B 273 -0.57 -4.02 5.30
N ARG B 274 0.51 -4.20 6.03
CA ARG B 274 0.92 -5.49 6.55
C ARG B 274 -0.18 -6.09 7.41
N ALA B 275 -0.68 -7.27 7.06
CA ALA B 275 -1.75 -7.90 7.81
C ALA B 275 -1.35 -9.03 8.77
N VAL B 276 -0.16 -9.58 8.56
CA VAL B 276 0.34 -10.66 9.40
C VAL B 276 1.70 -10.27 10.00
N PRO B 277 2.18 -10.79 11.13
CA PRO B 277 3.46 -10.39 11.66
C PRO B 277 4.67 -10.48 10.75
N TYR B 278 5.46 -9.43 10.79
CA TYR B 278 6.72 -9.38 10.09
C TYR B 278 7.68 -10.52 10.43
N TYR B 279 8.42 -11.02 9.45
CA TYR B 279 9.40 -12.04 9.67
C TYR B 279 10.70 -11.68 8.93
N GLY B 280 11.41 -10.78 9.56
CA GLY B 280 12.68 -10.26 9.03
C GLY B 280 12.58 -9.06 8.10
N PRO B 281 13.63 -8.66 7.38
CA PRO B 281 13.68 -7.40 6.62
C PRO B 281 12.89 -7.41 5.32
N GLY B 282 12.45 -8.56 4.84
CA GLY B 282 11.70 -8.63 3.60
C GLY B 282 10.22 -8.84 3.80
N VAL B 283 9.49 -9.31 2.79
CA VAL B 283 8.05 -9.52 2.91
C VAL B 283 7.64 -10.88 3.47
N ASP B 284 8.63 -11.67 3.84
CA ASP B 284 8.38 -13.01 4.33
C ASP B 284 7.50 -13.12 5.57
N TYR B 285 6.57 -14.05 5.44
CA TYR B 285 5.73 -14.41 6.55
C TYR B 285 6.06 -15.80 7.07
N ARG B 286 5.84 -16.02 8.34
CA ARG B 286 6.08 -17.32 8.91
C ARG B 286 4.83 -17.83 9.59
N ASN B 287 4.43 -17.25 10.71
CA ASN B 287 3.14 -17.62 11.24
C ASN B 287 2.23 -16.57 11.86
N ASN B 288 1.11 -16.96 12.45
CA ASN B 288 -0.02 -16.08 12.75
C ASN B 288 -0.57 -15.53 11.43
N LEU B 289 -0.76 -16.44 10.50
CA LEU B 289 -1.29 -16.13 9.19
C LEU B 289 -2.82 -16.08 9.19
N ASP B 290 -3.44 -15.89 10.35
CA ASP B 290 -4.89 -15.88 10.48
C ASP B 290 -5.49 -14.60 11.05
N PRO B 291 -5.35 -13.45 10.38
CA PRO B 291 -5.61 -12.14 10.94
C PRO B 291 -7.04 -11.83 11.37
N LEU B 292 -8.00 -12.49 10.73
CA LEU B 292 -9.40 -12.21 10.93
C LEU B 292 -10.17 -13.08 11.89
N SER B 293 -10.97 -12.44 12.74
CA SER B 293 -11.87 -13.10 13.69
C SER B 293 -13.04 -13.86 13.12
N GLU B 294 -13.61 -14.75 13.93
CA GLU B 294 -14.86 -15.42 13.58
C GLU B 294 -16.07 -14.55 13.87
N LYS B 295 -16.94 -14.35 12.89
CA LYS B 295 -18.16 -13.60 13.03
C LYS B 295 -19.21 -14.23 12.12
N GLY B 296 -20.43 -14.47 12.58
CA GLY B 296 -21.43 -15.11 11.76
C GLY B 296 -21.94 -14.24 10.63
N LEU B 297 -22.23 -14.80 9.44
CA LEU B 297 -22.70 -14.02 8.29
C LEU B 297 -23.88 -13.06 8.50
N THR B 298 -24.85 -13.47 9.28
CA THR B 298 -26.00 -12.65 9.60
C THR B 298 -26.04 -12.18 11.05
N THR B 299 -24.89 -11.85 11.60
CA THR B 299 -24.78 -11.34 12.97
C THR B 299 -24.25 -9.92 12.97
N TYR B 300 -24.90 -9.01 13.66
CA TYR B 300 -24.45 -7.63 13.71
C TYR B 300 -23.23 -7.46 14.60
N ALA C 6 -21.30 9.30 -31.23
CA ALA C 6 -22.34 8.99 -32.23
C ALA C 6 -22.09 7.72 -33.11
N CYS C 7 -22.60 7.60 -34.36
CA CYS C 7 -22.51 6.40 -35.23
C CYS C 7 -22.84 5.03 -34.64
N GLY C 8 -22.19 4.53 -33.58
CA GLY C 8 -22.55 3.26 -32.93
C GLY C 8 -21.45 2.77 -31.96
N TYR C 9 -20.56 3.67 -31.53
CA TYR C 9 -19.39 3.28 -30.73
C TYR C 9 -19.64 2.82 -29.30
N SER C 10 -18.70 2.09 -28.68
CA SER C 10 -18.93 1.48 -27.37
C SER C 10 -17.72 1.15 -26.52
N ASP C 11 -18.04 1.16 -25.23
CA ASP C 11 -17.14 0.90 -24.13
C ASP C 11 -16.56 -0.52 -24.05
N ARG C 12 -17.31 -1.39 -24.75
CA ARG C 12 -17.09 -2.82 -24.80
C ARG C 12 -16.35 -3.32 -26.03
N VAL C 13 -16.27 -2.50 -27.07
CA VAL C 13 -15.65 -2.96 -28.30
C VAL C 13 -14.38 -2.18 -28.58
N LEU C 14 -13.23 -2.82 -28.47
CA LEU C 14 -11.96 -2.14 -28.71
C LEU C 14 -11.07 -2.80 -29.72
N GLN C 15 -10.29 -1.97 -30.40
CA GLN C 15 -9.22 -2.46 -31.26
C GLN C 15 -7.90 -1.84 -30.77
N LEU C 16 -6.94 -2.66 -30.40
CA LEU C 16 -5.63 -2.17 -29.98
C LEU C 16 -4.61 -2.50 -31.10
N THR C 17 -3.94 -1.52 -31.67
CA THR C 17 -2.90 -1.82 -32.66
C THR C 17 -1.55 -1.30 -32.27
N LEU C 18 -0.58 -2.20 -32.22
CA LEU C 18 0.81 -1.86 -31.97
C LEU C 18 1.72 -2.60 -32.92
N GLY C 19 2.59 -1.94 -33.67
CA GLY C 19 3.50 -2.60 -34.62
C GLY C 19 2.78 -3.43 -35.67
N ASN C 20 3.11 -4.69 -35.92
CA ASN C 20 2.38 -5.51 -36.89
C ASN C 20 1.26 -6.32 -36.26
N SER C 21 0.89 -5.96 -35.03
CA SER C 21 -0.14 -6.66 -34.27
C SER C 21 -1.38 -5.89 -33.88
N THR C 22 -2.52 -6.52 -34.09
CA THR C 22 -3.82 -5.98 -33.73
C THR C 22 -4.69 -6.91 -32.91
N ILE C 23 -5.25 -6.41 -31.83
CA ILE C 23 -6.17 -7.12 -30.97
C ILE C 23 -7.58 -6.55 -31.09
N THR C 24 -8.56 -7.38 -31.31
CA THR C 24 -9.95 -6.94 -31.24
C THR C 24 -10.64 -7.55 -30.03
N THR C 25 -11.58 -6.82 -29.46
CA THR C 25 -12.43 -7.36 -28.40
C THR C 25 -13.85 -6.79 -28.49
N GLN C 26 -14.84 -7.65 -28.44
CA GLN C 26 -16.25 -7.23 -28.47
C GLN C 26 -16.92 -7.19 -27.10
N GLU C 27 -16.23 -7.60 -26.05
CA GLU C 27 -16.73 -7.59 -24.66
C GLU C 27 -15.74 -7.10 -23.60
N ALA C 28 -15.26 -5.89 -23.76
CA ALA C 28 -14.40 -5.23 -22.79
C ALA C 28 -15.13 -4.50 -21.65
N ALA C 29 -14.49 -4.22 -20.52
CA ALA C 29 -15.09 -3.39 -19.48
C ALA C 29 -14.31 -2.08 -19.41
N ASN C 30 -14.32 -1.29 -20.51
CA ASN C 30 -13.49 -0.09 -20.68
C ASN C 30 -11.99 -0.46 -20.58
N SER C 31 -11.05 0.42 -20.30
CA SER C 31 -9.66 0.01 -20.05
C SER C 31 -8.95 0.94 -19.07
N VAL C 32 -8.01 0.39 -18.31
CA VAL C 32 -7.32 1.14 -17.27
C VAL C 32 -5.95 1.69 -17.66
N VAL C 33 -5.65 2.95 -17.36
CA VAL C 33 -4.32 3.51 -17.51
C VAL C 33 -3.77 3.69 -16.09
N ALA C 34 -2.85 2.80 -15.68
CA ALA C 34 -2.31 2.82 -14.33
C ALA C 34 -1.79 4.16 -13.85
N TYR C 35 -2.42 4.61 -12.76
CA TYR C 35 -2.15 5.88 -12.10
C TYR C 35 -2.39 7.10 -12.96
N GLY C 36 -3.18 6.96 -14.01
CA GLY C 36 -3.47 8.04 -14.95
C GLY C 36 -2.30 8.44 -15.85
N ARG C 37 -1.24 7.65 -15.88
CA ARG C 37 -0.08 7.93 -16.67
C ARG C 37 0.20 7.03 -17.86
N TRP C 38 0.16 7.60 -19.05
CA TRP C 38 0.51 6.86 -20.27
C TRP C 38 2.01 6.61 -20.32
N PRO C 39 2.57 5.51 -20.82
CA PRO C 39 3.99 5.39 -21.11
C PRO C 39 4.66 6.51 -21.88
N GLU C 40 5.84 6.89 -21.45
CA GLU C 40 6.62 7.88 -22.15
C GLU C 40 8.12 7.68 -22.09
N PHE C 41 8.87 8.23 -23.02
CA PHE C 41 10.34 8.16 -23.00
C PHE C 41 11.02 9.04 -21.94
N ILE C 42 12.25 8.73 -21.55
CA ILE C 42 13.00 9.56 -20.61
C ILE C 42 13.32 10.94 -21.18
N ARG C 43 12.81 11.94 -20.51
CA ARG C 43 13.11 13.32 -20.81
C ARG C 43 14.52 13.78 -20.49
N ASP C 44 15.11 14.66 -21.29
CA ASP C 44 16.44 15.22 -21.00
C ASP C 44 16.70 15.73 -19.60
N ASP C 45 15.70 16.29 -18.93
CA ASP C 45 15.84 16.78 -17.56
C ASP C 45 15.60 15.78 -16.44
N GLU C 46 15.39 14.53 -16.83
CA GLU C 46 15.28 13.36 -15.96
C GLU C 46 16.28 12.27 -16.35
N ALA C 47 17.02 12.53 -17.42
CA ALA C 47 18.04 11.65 -17.94
C ALA C 47 19.24 11.41 -17.02
N ASN C 48 19.72 10.18 -16.92
CA ASN C 48 20.93 9.92 -16.14
C ASN C 48 22.06 9.27 -16.95
N PRO C 49 21.99 8.10 -17.62
CA PRO C 49 23.07 7.60 -18.47
C PRO C 49 23.34 8.55 -19.65
N VAL C 50 24.55 9.00 -19.91
CA VAL C 50 24.79 9.97 -21.00
C VAL C 50 24.85 9.47 -22.44
N ASP C 51 25.01 8.16 -22.61
CA ASP C 51 25.11 7.57 -23.95
C ASP C 51 23.79 7.57 -24.71
N GLN C 52 23.87 7.87 -25.99
CA GLN C 52 22.74 7.84 -26.90
C GLN C 52 21.90 6.56 -26.82
N PRO C 53 20.63 6.61 -26.40
CA PRO C 53 19.80 5.45 -26.28
C PRO C 53 19.45 4.71 -27.58
N THR C 54 19.08 3.46 -27.44
CA THR C 54 18.52 2.68 -28.51
C THR C 54 17.02 2.63 -28.33
N GLU C 55 16.29 2.98 -29.37
CA GLU C 55 14.85 2.88 -29.34
C GLU C 55 14.35 1.96 -30.46
N PRO C 56 14.24 0.64 -30.27
CA PRO C 56 13.85 -0.30 -31.32
C PRO C 56 12.47 -0.16 -31.93
N ASP C 57 11.61 0.64 -31.30
CA ASP C 57 10.26 0.93 -31.76
C ASP C 57 9.39 -0.24 -32.22
N VAL C 58 8.85 -0.33 -33.43
CA VAL C 58 7.98 -1.44 -33.87
C VAL C 58 8.48 -2.87 -33.68
N ALA C 59 9.80 -3.09 -33.71
CA ALA C 59 10.39 -4.41 -33.55
C ALA C 59 10.29 -5.00 -32.14
N THR C 60 10.09 -4.15 -31.16
CA THR C 60 9.93 -4.56 -29.77
C THR C 60 8.61 -4.15 -29.14
N CYS C 61 8.08 -3.02 -29.55
CA CYS C 61 6.82 -2.51 -29.06
C CYS C 61 5.63 -2.97 -29.89
N ARG C 62 5.35 -4.24 -29.68
CA ARG C 62 4.29 -5.01 -30.33
C ARG C 62 3.76 -6.09 -29.42
N PHE C 63 2.65 -6.75 -29.73
CA PHE C 63 2.09 -7.74 -28.84
C PHE C 63 2.64 -9.17 -28.84
N TYR C 64 3.26 -9.55 -27.73
CA TYR C 64 3.69 -10.93 -27.53
C TYR C 64 2.70 -11.73 -26.71
N THR C 65 2.23 -12.85 -27.21
CA THR C 65 1.29 -13.72 -26.51
C THR C 65 2.02 -14.83 -25.79
N LEU C 66 1.84 -14.91 -24.47
CA LEU C 66 2.46 -15.94 -23.66
C LEU C 66 1.76 -17.28 -23.74
N ASP C 67 2.37 -18.37 -23.27
CA ASP C 67 1.70 -19.66 -23.20
C ASP C 67 0.40 -19.66 -22.40
N THR C 68 -0.67 -20.20 -22.95
CA THR C 68 -1.96 -20.27 -22.26
C THR C 68 -2.02 -21.12 -21.00
N VAL C 69 -2.67 -20.57 -19.97
CA VAL C 69 -2.91 -21.35 -18.76
C VAL C 69 -4.38 -21.78 -18.68
N MET C 70 -4.69 -22.90 -18.04
CA MET C 70 -6.08 -23.33 -17.89
C MET C 70 -6.66 -23.02 -16.52
N TRP C 71 -7.84 -22.41 -16.51
CA TRP C 71 -8.58 -22.14 -15.31
C TRP C 71 -9.59 -23.23 -15.00
N GLY C 72 -9.45 -23.89 -13.87
CA GLY C 72 -10.39 -24.89 -13.43
C GLY C 72 -10.89 -24.66 -11.99
N LYS C 73 -11.88 -25.41 -11.50
CA LYS C 73 -12.42 -25.24 -10.14
C LYS C 73 -11.44 -25.17 -8.97
N GLU C 74 -10.28 -25.81 -9.08
CA GLU C 74 -9.24 -25.78 -8.05
C GLU C 74 -8.16 -24.70 -8.27
N SER C 75 -8.16 -23.98 -9.39
CA SER C 75 -7.13 -23.01 -9.66
C SER C 75 -7.06 -21.86 -8.65
N LYS C 76 -6.04 -21.82 -7.83
CA LYS C 76 -5.86 -20.76 -6.85
C LYS C 76 -5.32 -19.42 -7.36
N GLY C 77 -4.69 -19.42 -8.51
CA GLY C 77 -4.21 -18.18 -9.09
C GLY C 77 -2.86 -18.26 -9.75
N TRP C 78 -2.58 -17.27 -10.58
CA TRP C 78 -1.35 -17.21 -11.36
C TRP C 78 -0.64 -15.85 -11.19
N TRP C 79 0.68 -15.80 -11.30
CA TRP C 79 1.41 -14.56 -11.28
C TRP C 79 2.55 -14.51 -12.29
N TRP C 80 2.90 -13.31 -12.73
CA TRP C 80 3.98 -13.05 -13.69
C TRP C 80 4.74 -11.79 -13.33
N LYS C 81 5.98 -11.63 -13.74
CA LYS C 81 6.75 -10.43 -13.45
C LYS C 81 7.22 -9.77 -14.75
N LEU C 82 7.35 -8.46 -14.80
CA LEU C 82 7.80 -7.74 -15.99
C LEU C 82 9.07 -6.92 -15.71
N PRO C 83 10.11 -6.89 -16.56
CA PRO C 83 10.18 -7.57 -17.85
C PRO C 83 10.34 -9.08 -17.97
N ASP C 84 10.58 -9.83 -16.89
CA ASP C 84 10.81 -11.26 -16.95
C ASP C 84 9.96 -12.14 -17.84
N ALA C 85 8.64 -12.02 -17.85
CA ALA C 85 7.77 -12.80 -18.74
C ALA C 85 8.06 -12.65 -20.21
N LEU C 86 8.69 -11.53 -20.55
CA LEU C 86 9.09 -11.24 -21.92
C LEU C 86 10.58 -11.42 -22.23
N ARG C 87 11.44 -11.91 -21.30
CA ARG C 87 12.88 -12.09 -21.55
C ARG C 87 13.30 -12.86 -22.81
N ASP C 88 12.48 -13.81 -23.24
CA ASP C 88 12.71 -14.57 -24.46
C ASP C 88 11.82 -14.15 -25.62
N MET C 89 11.21 -12.98 -25.57
CA MET C 89 10.31 -12.53 -26.62
C MET C 89 10.97 -11.70 -27.73
N GLY C 90 11.28 -12.38 -28.82
CA GLY C 90 11.82 -11.83 -30.04
C GLY C 90 12.98 -10.83 -29.88
N LEU C 91 12.84 -9.68 -30.51
CA LEU C 91 13.86 -8.66 -30.42
C LEU C 91 13.83 -7.86 -29.13
N PHE C 92 12.71 -7.85 -28.39
CA PHE C 92 12.64 -7.24 -27.07
C PHE C 92 13.62 -7.93 -26.11
N GLY C 93 13.55 -9.26 -26.10
CA GLY C 93 14.46 -10.05 -25.31
C GLY C 93 15.95 -9.83 -25.65
N GLN C 94 16.26 -9.75 -26.94
CA GLN C 94 17.63 -9.48 -27.37
C GLN C 94 18.15 -8.11 -26.91
N ASN C 95 17.30 -7.10 -27.03
CA ASN C 95 17.63 -5.77 -26.56
C ASN C 95 17.81 -5.67 -25.06
N MET C 96 16.98 -6.38 -24.31
CA MET C 96 17.08 -6.50 -22.86
C MET C 96 18.39 -7.13 -22.44
N TYR C 97 18.79 -8.24 -23.02
CA TYR C 97 20.02 -8.87 -22.67
C TYR C 97 21.31 -8.27 -23.25
N TYR C 98 21.27 -7.48 -24.31
CA TYR C 98 22.47 -6.82 -24.82
C TYR C 98 22.84 -5.47 -24.18
N HIS C 99 21.95 -4.90 -23.38
CA HIS C 99 22.18 -3.63 -22.73
C HIS C 99 22.16 -3.73 -21.22
N TYR C 100 23.04 -3.05 -20.50
CA TYR C 100 22.99 -2.95 -19.05
C TYR C 100 21.69 -2.30 -18.55
N LEU C 101 21.23 -1.30 -19.27
CA LEU C 101 20.02 -0.58 -18.89
C LEU C 101 18.89 -0.66 -19.90
N GLY C 102 17.68 -0.75 -19.37
CA GLY C 102 16.49 -0.79 -20.21
C GLY C 102 15.23 -0.31 -19.51
N ARG C 103 14.48 0.64 -20.05
CA ARG C 103 13.18 1.00 -19.49
C ARG C 103 12.11 0.78 -20.54
N SER C 104 10.92 0.45 -20.06
CA SER C 104 9.79 0.16 -20.93
C SER C 104 8.46 0.15 -20.19
N GLY C 105 7.42 0.68 -20.78
CA GLY C 105 6.09 0.58 -20.26
C GLY C 105 5.40 -0.60 -20.94
N TYR C 106 4.16 -0.97 -20.62
CA TYR C 106 3.50 -2.13 -21.21
C TYR C 106 1.98 -2.02 -21.42
N THR C 107 1.41 -2.57 -22.48
CA THR C 107 -0.04 -2.75 -22.52
C THR C 107 -0.29 -4.23 -22.23
N VAL C 108 -0.99 -4.50 -21.14
CA VAL C 108 -1.36 -5.85 -20.76
C VAL C 108 -2.81 -6.19 -21.14
N HIS C 109 -2.99 -7.21 -21.98
CA HIS C 109 -4.30 -7.66 -22.36
C HIS C 109 -4.61 -9.11 -21.93
N VAL C 110 -5.42 -9.27 -20.89
CA VAL C 110 -5.77 -10.60 -20.40
C VAL C 110 -7.08 -11.07 -21.04
N GLN C 111 -7.05 -12.28 -21.58
CA GLN C 111 -8.14 -12.90 -22.34
C GLN C 111 -8.78 -14.12 -21.69
N CYS C 112 -10.07 -14.12 -21.44
CA CYS C 112 -10.79 -15.27 -20.91
C CYS C 112 -12.28 -15.28 -21.23
N ASN C 113 -12.68 -15.90 -22.33
CA ASN C 113 -14.09 -16.05 -22.65
C ASN C 113 -14.68 -17.39 -22.21
N ALA C 114 -15.99 -17.43 -22.05
CA ALA C 114 -16.68 -18.65 -21.68
C ALA C 114 -18.07 -18.74 -22.33
N SER C 115 -19.20 -18.68 -21.63
CA SER C 115 -20.52 -18.70 -22.27
C SER C 115 -21.51 -18.06 -21.30
N LYS C 116 -22.70 -17.60 -21.72
CA LYS C 116 -23.64 -16.95 -20.82
C LYS C 116 -24.18 -17.80 -19.67
N PHE C 117 -23.85 -19.09 -19.71
CA PHE C 117 -24.20 -20.06 -18.71
C PHE C 117 -23.05 -20.45 -17.80
N HIS C 118 -21.86 -19.93 -18.05
CA HIS C 118 -20.71 -20.09 -17.16
C HIS C 118 -20.72 -18.96 -16.15
N GLN C 119 -19.90 -19.15 -15.15
CA GLN C 119 -19.86 -18.29 -13.99
C GLN C 119 -18.46 -18.18 -13.40
N GLY C 120 -18.11 -17.04 -12.83
CA GLY C 120 -16.79 -16.86 -12.24
C GLY C 120 -16.22 -15.47 -12.47
N ALA C 121 -15.31 -15.06 -11.60
CA ALA C 121 -14.68 -13.77 -11.73
C ALA C 121 -13.19 -13.73 -11.41
N LEU C 122 -12.43 -13.32 -12.40
CA LEU C 122 -11.00 -13.12 -12.30
C LEU C 122 -10.58 -11.73 -11.83
N GLY C 123 -9.81 -11.61 -10.78
CA GLY C 123 -9.24 -10.36 -10.34
C GLY C 123 -7.87 -10.17 -10.98
N VAL C 124 -7.71 -9.18 -11.83
CA VAL C 124 -6.44 -8.92 -12.55
C VAL C 124 -5.72 -7.69 -11.99
N PHE C 125 -4.59 -7.91 -11.35
CA PHE C 125 -3.84 -6.86 -10.65
C PHE C 125 -2.43 -6.55 -11.13
N ALA C 126 -2.17 -5.28 -11.40
CA ALA C 126 -0.85 -4.81 -11.78
C ALA C 126 -0.21 -4.11 -10.58
N ILE C 127 0.78 -4.76 -10.01
CA ILE C 127 1.42 -4.33 -8.79
C ILE C 127 2.85 -3.78 -8.96
N PRO C 128 3.18 -2.54 -8.58
CA PRO C 128 4.53 -2.02 -8.65
C PRO C 128 5.41 -2.74 -7.63
N GLU C 129 6.64 -3.17 -7.97
CA GLU C 129 7.51 -3.85 -7.02
C GLU C 129 6.91 -5.02 -6.23
N TYR C 130 6.31 -5.98 -6.95
CA TYR C 130 5.66 -7.13 -6.31
C TYR C 130 6.56 -8.17 -5.66
N CYS C 131 7.16 -7.80 -4.55
CA CYS C 131 7.98 -8.70 -3.77
C CYS C 131 7.17 -9.84 -3.19
N LEU C 132 7.56 -11.07 -3.48
CA LEU C 132 6.84 -12.23 -2.98
C LEU C 132 7.48 -12.94 -1.80
N ALA C 133 6.69 -13.60 -0.94
CA ALA C 133 7.24 -14.36 0.17
C ALA C 133 7.79 -15.76 -0.14
N GLY C 134 8.73 -16.21 0.64
CA GLY C 134 9.37 -17.50 0.39
C GLY C 134 8.92 -18.76 1.15
N ASP C 135 9.66 -19.79 0.78
CA ASP C 135 9.71 -21.15 1.31
C ASP C 135 9.98 -21.47 2.78
N SER C 136 10.86 -20.67 3.34
CA SER C 136 11.59 -21.06 4.54
C SER C 136 11.58 -20.26 5.82
N ASP C 137 12.23 -20.87 6.82
CA ASP C 137 12.70 -20.17 8.02
C ASP C 137 13.70 -19.09 7.58
N LYS C 138 14.47 -19.37 6.52
CA LYS C 138 15.44 -18.44 5.97
C LYS C 138 14.82 -17.25 5.26
N GLN C 139 15.08 -16.05 5.76
CA GLN C 139 14.53 -14.87 5.14
C GLN C 139 15.26 -14.34 3.91
N ARG C 140 14.51 -13.81 2.94
CA ARG C 140 15.03 -13.23 1.70
C ARG C 140 15.96 -14.14 0.89
N TYR C 141 15.65 -15.43 1.00
CA TYR C 141 16.44 -16.50 0.44
C TYR C 141 15.97 -17.14 -0.87
N THR C 142 14.93 -16.64 -1.52
CA THR C 142 14.50 -17.23 -2.80
C THR C 142 15.55 -17.00 -3.88
N SER C 143 15.94 -18.04 -4.58
CA SER C 143 16.95 -17.89 -5.61
C SER C 143 16.50 -17.14 -6.86
N TYR C 144 17.38 -16.39 -7.53
CA TYR C 144 17.10 -15.70 -8.79
C TYR C 144 16.36 -16.55 -9.81
N ALA C 145 16.87 -17.74 -10.12
CA ALA C 145 16.20 -18.65 -11.06
C ALA C 145 14.78 -19.02 -10.65
N ASN C 146 14.52 -19.15 -9.35
CA ASN C 146 13.16 -19.39 -8.89
C ASN C 146 12.24 -18.17 -8.84
N ALA C 147 12.82 -17.02 -8.58
CA ALA C 147 12.11 -15.75 -8.56
C ALA C 147 11.61 -15.29 -9.92
N ASN C 148 12.26 -15.84 -10.94
CA ASN C 148 12.00 -15.50 -12.32
C ASN C 148 11.52 -16.63 -13.23
N PRO C 149 10.23 -16.98 -13.26
CA PRO C 149 9.72 -18.13 -14.00
C PRO C 149 9.67 -17.96 -15.50
N GLY C 150 10.06 -16.78 -16.00
CA GLY C 150 9.87 -16.40 -17.39
C GLY C 150 8.40 -16.38 -17.81
N GLU C 151 8.16 -16.65 -19.08
CA GLU C 151 6.83 -16.78 -19.65
C GLU C 151 5.87 -17.71 -18.90
N ARG C 152 6.41 -18.71 -18.20
CA ARG C 152 5.58 -19.64 -17.46
C ARG C 152 4.76 -19.09 -16.30
N GLY C 153 5.36 -18.09 -15.66
CA GLY C 153 4.80 -17.55 -14.46
C GLY C 153 4.82 -18.53 -13.30
N GLY C 154 4.27 -18.09 -12.19
CA GLY C 154 4.12 -18.95 -11.05
C GLY C 154 2.68 -19.07 -10.62
N LYS C 155 2.47 -19.77 -9.52
CA LYS C 155 1.15 -19.97 -9.00
C LYS C 155 0.94 -19.53 -7.56
N PHE C 156 -0.30 -19.48 -7.14
CA PHE C 156 -0.62 -19.25 -5.74
C PHE C 156 -1.05 -20.52 -5.02
N TYR C 157 -0.94 -20.51 -3.70
CA TYR C 157 -1.41 -21.59 -2.88
C TYR C 157 -2.46 -21.16 -1.87
N SER C 158 -3.40 -22.04 -1.52
CA SER C 158 -4.34 -21.74 -0.46
C SER C 158 -3.75 -21.67 0.92
N GLN C 159 -2.53 -22.19 1.12
CA GLN C 159 -1.92 -22.16 2.43
C GLN C 159 -0.38 -22.28 2.47
N PHE C 160 0.19 -21.90 3.59
CA PHE C 160 1.64 -21.88 3.72
C PHE C 160 2.35 -23.19 4.05
N ASN C 161 2.87 -23.86 3.04
CA ASN C 161 3.63 -25.08 3.29
C ASN C 161 5.10 -24.67 3.41
N LYS C 162 5.64 -24.60 4.63
CA LYS C 162 7.06 -24.26 4.77
C LYS C 162 8.05 -25.28 4.19
N ASP C 163 8.85 -24.98 3.14
CA ASP C 163 9.85 -25.95 2.63
C ASP C 163 10.83 -26.39 3.71
N ASN C 164 10.44 -27.54 4.21
CA ASN C 164 11.17 -28.13 5.30
C ASN C 164 12.59 -28.66 5.12
N ALA C 165 12.97 -29.12 3.93
CA ALA C 165 14.23 -29.85 3.80
C ALA C 165 15.59 -29.21 4.10
N VAL C 166 15.67 -28.19 4.98
CA VAL C 166 16.87 -27.46 5.40
C VAL C 166 18.18 -27.79 4.66
N THR C 167 18.66 -29.04 4.86
CA THR C 167 19.84 -29.59 4.17
C THR C 167 19.99 -29.28 2.67
N SER C 168 18.95 -29.36 1.85
CA SER C 168 19.11 -29.01 0.43
C SER C 168 17.91 -28.22 -0.10
N PRO C 169 17.85 -26.93 0.30
CA PRO C 169 16.63 -26.15 0.35
C PRO C 169 16.07 -25.87 -1.03
N LYS C 170 14.75 -25.85 -1.23
CA LYS C 170 14.20 -25.49 -2.52
C LYS C 170 14.37 -24.05 -3.00
N ARG C 171 14.55 -23.07 -2.09
CA ARG C 171 14.69 -21.64 -2.41
C ARG C 171 13.71 -21.03 -3.42
N GLU C 172 12.46 -21.42 -3.19
CA GLU C 172 11.29 -21.00 -3.94
C GLU C 172 10.34 -20.09 -3.16
N PHE C 173 9.46 -19.38 -3.85
CA PHE C 173 8.41 -18.60 -3.20
C PHE C 173 7.28 -19.49 -2.71
N CYS C 174 6.57 -19.10 -1.68
CA CYS C 174 5.36 -19.82 -1.31
C CYS C 174 4.23 -18.80 -1.23
N PRO C 175 3.70 -18.31 -2.37
CA PRO C 175 2.71 -17.25 -2.43
C PRO C 175 1.33 -17.69 -1.97
N VAL C 176 0.88 -17.34 -0.78
CA VAL C 176 -0.46 -17.73 -0.32
C VAL C 176 -1.52 -16.76 -0.86
N ASP C 177 -2.56 -17.26 -1.52
CA ASP C 177 -3.59 -16.43 -2.12
C ASP C 177 -4.25 -15.33 -1.29
N TYR C 178 -4.91 -15.57 -0.15
CA TYR C 178 -5.53 -14.48 0.60
C TYR C 178 -4.57 -13.48 1.22
N LEU C 179 -3.27 -13.81 1.21
CA LEU C 179 -2.28 -12.86 1.64
C LEU C 179 -1.52 -12.15 0.50
N LEU C 180 -2.08 -12.24 -0.71
CA LEU C 180 -1.52 -11.74 -1.97
C LEU C 180 -0.06 -12.17 -2.21
N GLY C 181 0.25 -13.34 -1.64
CA GLY C 181 1.60 -13.88 -1.64
C GLY C 181 2.64 -13.02 -0.93
N CYS C 182 2.25 -12.02 -0.15
CA CYS C 182 3.20 -11.09 0.42
C CYS C 182 2.89 -10.48 1.78
N GLY C 183 2.08 -11.13 2.61
CA GLY C 183 1.83 -10.71 3.99
C GLY C 183 0.76 -9.65 4.21
N VAL C 184 -0.06 -9.41 3.19
CA VAL C 184 -1.13 -8.41 3.26
C VAL C 184 -2.49 -9.02 2.97
N LEU C 185 -3.65 -8.41 3.15
CA LEU C 185 -4.88 -9.08 2.74
C LEU C 185 -5.29 -8.81 1.30
N LEU C 186 -5.56 -9.86 0.53
CA LEU C 186 -5.97 -9.74 -0.87
C LEU C 186 -7.09 -8.73 -1.16
N GLY C 187 -8.12 -8.62 -0.34
CA GLY C 187 -9.20 -7.68 -0.55
C GLY C 187 -8.75 -6.22 -0.71
N ASN C 188 -7.57 -5.87 -0.21
CA ASN C 188 -7.05 -4.53 -0.38
C ASN C 188 -6.19 -4.35 -1.63
N ALA C 189 -5.92 -5.41 -2.38
CA ALA C 189 -5.17 -5.34 -3.63
C ALA C 189 -5.77 -4.42 -4.66
N PHE C 190 -7.03 -4.06 -4.47
CA PHE C 190 -7.73 -3.11 -5.33
C PHE C 190 -7.20 -1.68 -5.29
N VAL C 191 -6.35 -1.30 -4.33
CA VAL C 191 -5.65 -0.02 -4.39
C VAL C 191 -4.58 -0.03 -5.46
N TYR C 192 -4.21 -1.23 -5.94
CA TYR C 192 -3.35 -1.36 -7.10
C TYR C 192 -4.16 -1.24 -8.40
N PRO C 193 -3.62 -0.73 -9.52
CA PRO C 193 -4.28 -0.75 -10.82
C PRO C 193 -4.79 -2.13 -11.23
N HIS C 194 -6.05 -2.21 -11.59
CA HIS C 194 -6.72 -3.49 -11.81
C HIS C 194 -7.98 -3.47 -12.66
N GLN C 195 -8.40 -4.64 -13.10
CA GLN C 195 -9.73 -4.84 -13.68
C GLN C 195 -10.27 -6.20 -13.24
N ILE C 196 -11.55 -6.42 -13.31
CA ILE C 196 -12.11 -7.73 -12.99
C ILE C 196 -12.68 -8.35 -14.26
N ILE C 197 -12.31 -9.57 -14.60
CA ILE C 197 -13.01 -10.29 -15.67
C ILE C 197 -14.11 -11.10 -14.99
N ASN C 198 -15.29 -10.54 -14.96
CA ASN C 198 -16.45 -11.24 -14.42
C ASN C 198 -17.16 -11.82 -15.64
N LEU C 199 -17.19 -13.14 -15.78
CA LEU C 199 -17.67 -13.79 -17.01
C LEU C 199 -19.05 -13.43 -17.56
N ARG C 200 -20.00 -12.95 -16.73
CA ARG C 200 -21.27 -12.46 -17.27
C ARG C 200 -21.22 -11.08 -17.89
N THR C 201 -20.14 -10.38 -17.66
CA THR C 201 -19.93 -9.01 -18.12
C THR C 201 -18.91 -8.87 -19.25
N ASN C 202 -17.70 -9.39 -19.08
CA ASN C 202 -16.63 -9.18 -20.02
C ASN C 202 -15.67 -10.32 -20.34
N ASN C 203 -15.20 -10.45 -21.60
CA ASN C 203 -14.22 -11.47 -22.04
C ASN C 203 -12.80 -11.17 -21.58
N SER C 204 -12.54 -9.93 -21.22
CA SER C 204 -11.16 -9.49 -21.07
C SER C 204 -10.89 -8.28 -20.22
N ALA C 205 -9.61 -8.12 -19.88
CA ALA C 205 -9.09 -6.96 -19.17
C ALA C 205 -7.94 -6.29 -19.92
N THR C 206 -7.88 -4.97 -19.92
CA THR C 206 -6.81 -4.24 -20.62
C THR C 206 -6.24 -3.16 -19.72
N ILE C 207 -5.02 -3.38 -19.28
CA ILE C 207 -4.34 -2.43 -18.40
C ILE C 207 -3.10 -1.84 -19.05
N VAL C 208 -3.04 -0.53 -19.18
CA VAL C 208 -1.86 0.17 -19.66
C VAL C 208 -0.94 0.58 -18.52
N LEU C 209 0.26 0.02 -18.50
CA LEU C 209 1.28 0.31 -17.49
C LEU C 209 2.41 1.25 -17.87
N PRO C 210 2.60 2.35 -17.13
CA PRO C 210 3.75 3.24 -17.25
C PRO C 210 5.00 2.60 -16.63
N TYR C 211 6.21 3.02 -16.97
CA TYR C 211 7.39 2.57 -16.22
C TYR C 211 7.32 3.17 -14.81
N VAL C 212 7.40 2.38 -13.77
CA VAL C 212 7.36 2.88 -12.40
C VAL C 212 8.62 2.42 -11.70
N ASN C 213 9.33 3.36 -11.09
CA ASN C 213 10.59 3.09 -10.40
C ASN C 213 11.10 4.26 -9.60
N ALA C 214 12.01 4.01 -8.69
CA ALA C 214 12.71 5.06 -7.95
C ALA C 214 13.80 5.74 -8.77
N LEU C 215 14.01 5.25 -9.99
CA LEU C 215 14.97 5.70 -11.00
C LEU C 215 14.33 5.86 -12.37
N ALA C 216 14.87 6.68 -13.29
CA ALA C 216 14.35 6.79 -14.65
C ALA C 216 14.62 5.56 -15.53
N ILE C 217 15.71 4.87 -15.23
CA ILE C 217 16.08 3.64 -15.91
C ILE C 217 16.89 2.72 -14.97
N ASP C 218 16.80 1.41 -15.16
CA ASP C 218 17.45 0.46 -14.28
C ASP C 218 17.87 -0.81 -15.06
N SER C 219 18.47 -1.76 -14.37
CA SER C 219 18.74 -3.05 -14.94
C SER C 219 17.52 -3.96 -15.02
N MET C 220 17.04 -4.24 -16.24
CA MET C 220 15.94 -5.15 -16.45
C MET C 220 16.21 -6.62 -16.07
N VAL C 221 17.46 -7.07 -16.14
CA VAL C 221 17.87 -8.41 -15.76
C VAL C 221 17.89 -8.61 -14.24
N LYS C 222 18.29 -7.57 -13.51
CA LYS C 222 18.34 -7.65 -12.05
C LYS C 222 17.03 -7.33 -11.33
N HIS C 223 16.19 -6.53 -11.98
CA HIS C 223 15.00 -5.99 -11.34
C HIS C 223 13.71 -5.99 -12.13
N ASN C 224 12.66 -6.57 -11.57
CA ASN C 224 11.34 -6.49 -12.15
C ASN C 224 10.57 -5.27 -11.65
N ASN C 225 9.91 -4.55 -12.56
CA ASN C 225 9.17 -3.33 -12.23
C ASN C 225 7.73 -3.49 -11.83
N TRP C 226 7.09 -4.39 -12.56
CA TRP C 226 5.68 -4.70 -12.38
C TRP C 226 5.41 -6.19 -12.22
N GLY C 227 4.50 -6.52 -11.33
CA GLY C 227 4.02 -7.86 -11.17
C GLY C 227 2.57 -7.92 -11.66
N ILE C 228 2.22 -8.99 -12.36
CA ILE C 228 0.87 -9.26 -12.83
C ILE C 228 0.33 -10.43 -12.02
N ALA C 229 -0.65 -10.14 -11.16
CA ALA C 229 -1.31 -11.19 -10.38
C ALA C 229 -2.75 -11.45 -10.82
N ILE C 230 -3.09 -12.67 -11.20
CA ILE C 230 -4.46 -13.05 -11.58
C ILE C 230 -5.02 -14.09 -10.61
N LEU C 231 -5.93 -13.67 -9.76
CA LEU C 231 -6.55 -14.58 -8.79
C LEU C 231 -8.06 -14.72 -8.98
N PRO C 232 -8.63 -15.91 -8.89
CA PRO C 232 -10.08 -16.10 -9.01
C PRO C 232 -10.82 -15.57 -7.80
N LEU C 233 -11.42 -14.38 -7.90
CA LEU C 233 -12.18 -13.79 -6.82
C LEU C 233 -13.46 -14.56 -6.49
N SER C 234 -13.98 -15.11 -7.56
CA SER C 234 -15.13 -16.00 -7.50
C SER C 234 -14.85 -17.22 -8.39
N PRO C 235 -14.98 -18.45 -7.89
CA PRO C 235 -14.60 -19.66 -8.59
C PRO C 235 -15.36 -20.01 -9.86
N LEU C 236 -14.67 -20.62 -10.79
CA LEU C 236 -15.27 -21.05 -12.05
C LEU C 236 -16.33 -22.11 -11.84
N ASP C 237 -17.47 -21.87 -12.46
CA ASP C 237 -18.56 -22.78 -12.39
C ASP C 237 -19.38 -22.86 -13.65
N PHE C 238 -19.86 -24.06 -13.93
CA PHE C 238 -20.65 -24.31 -15.11
C PHE C 238 -21.67 -25.44 -14.96
N ALA C 239 -22.90 -25.13 -15.43
CA ALA C 239 -24.01 -26.09 -15.42
C ALA C 239 -24.02 -26.93 -14.14
N GLN C 240 -23.73 -28.23 -14.18
CA GLN C 240 -23.50 -28.97 -12.93
C GLN C 240 -22.18 -29.78 -13.01
N ASP C 241 -21.55 -29.70 -14.21
CA ASP C 241 -20.33 -30.44 -14.53
C ASP C 241 -19.29 -30.09 -13.47
N SER C 242 -18.99 -30.99 -12.52
CA SER C 242 -18.04 -30.59 -11.48
C SER C 242 -16.60 -30.34 -11.92
N SER C 243 -16.14 -30.73 -13.11
CA SER C 243 -14.76 -30.40 -13.50
C SER C 243 -14.56 -29.55 -14.76
N VAL C 244 -15.16 -28.35 -14.75
CA VAL C 244 -15.01 -27.36 -15.84
C VAL C 244 -13.58 -26.84 -16.01
N GLU C 245 -13.23 -26.44 -17.21
CA GLU C 245 -11.94 -25.82 -17.51
C GLU C 245 -11.99 -24.85 -18.69
N ILE C 246 -11.60 -23.60 -18.52
CA ILE C 246 -11.54 -22.65 -19.63
C ILE C 246 -10.16 -21.98 -19.69
N PRO C 247 -9.61 -21.70 -20.87
CA PRO C 247 -8.31 -21.06 -21.01
C PRO C 247 -8.23 -19.59 -20.61
N ILE C 248 -7.15 -19.20 -19.98
CA ILE C 248 -6.81 -17.80 -19.80
C ILE C 248 -5.56 -17.54 -20.63
N THR C 249 -5.61 -16.54 -21.49
CA THR C 249 -4.47 -16.15 -22.31
C THR C 249 -4.00 -14.73 -22.05
N VAL C 250 -2.72 -14.55 -21.75
CA VAL C 250 -2.13 -13.23 -21.48
C VAL C 250 -1.28 -12.73 -22.65
N THR C 251 -1.68 -11.61 -23.25
CA THR C 251 -0.90 -10.99 -24.32
C THR C 251 -0.34 -9.65 -23.83
N ILE C 252 0.94 -9.43 -23.93
CA ILE C 252 1.57 -8.21 -23.41
C ILE C 252 2.41 -7.48 -24.47
N ALA C 253 2.33 -6.17 -24.51
CA ALA C 253 3.14 -5.36 -25.41
C ALA C 253 4.06 -4.35 -24.74
N PRO C 254 5.38 -4.38 -24.88
CA PRO C 254 6.23 -3.25 -24.51
C PRO C 254 5.91 -1.94 -25.23
N MET C 255 6.07 -0.84 -24.54
CA MET C 255 5.76 0.48 -25.04
C MET C 255 6.83 1.47 -24.65
N CYS C 256 7.20 2.36 -25.56
CA CYS C 256 8.23 3.40 -25.35
C CYS C 256 9.54 2.88 -24.80
N SER C 257 9.91 1.69 -25.25
CA SER C 257 11.13 1.01 -24.85
C SER C 257 12.43 1.65 -25.25
N GLU C 258 13.28 1.91 -24.27
CA GLU C 258 14.60 2.42 -24.57
C GLU C 258 15.72 1.79 -23.75
N PHE C 259 16.84 1.62 -24.41
CA PHE C 259 17.96 0.92 -23.81
C PHE C 259 19.28 1.67 -23.87
N ASN C 260 20.01 1.62 -22.77
CA ASN C 260 21.33 2.22 -22.66
C ASN C 260 22.40 1.21 -22.24
N GLY C 261 23.69 1.51 -22.36
CA GLY C 261 24.76 0.62 -21.90
C GLY C 261 24.98 -0.67 -22.67
N LEU C 262 25.10 -0.57 -23.97
CA LEU C 262 25.38 -1.68 -24.86
C LEU C 262 26.77 -2.28 -24.71
N ARG C 263 26.80 -3.60 -24.70
CA ARG C 263 28.02 -4.39 -24.72
C ARG C 263 27.78 -5.84 -25.15
N ASN C 264 28.55 -6.85 -24.72
CA ASN C 264 28.28 -8.23 -25.09
C ASN C 264 27.05 -8.80 -24.39
N VAL C 265 26.36 -9.78 -24.96
CA VAL C 265 25.13 -10.28 -24.36
C VAL C 265 25.14 -10.97 -22.99
N THR C 266 24.25 -10.54 -22.11
CA THR C 266 24.01 -11.22 -20.85
C THR C 266 23.34 -12.57 -21.05
N ALA C 267 23.97 -13.61 -20.52
CA ALA C 267 23.40 -14.94 -20.53
C ALA C 267 23.17 -15.46 -19.11
N PRO C 268 22.02 -15.21 -18.49
CA PRO C 268 21.77 -15.60 -17.10
C PRO C 268 21.71 -17.10 -16.98
N LYS C 269 21.99 -17.62 -15.80
CA LYS C 269 21.88 -19.05 -15.61
C LYS C 269 20.55 -19.41 -14.98
N PHE C 270 19.68 -19.99 -15.79
CA PHE C 270 18.39 -20.42 -15.28
C PHE C 270 18.31 -21.90 -14.86
N GLN C 271 19.45 -22.51 -14.60
CA GLN C 271 19.43 -23.85 -14.06
C GLN C 271 19.44 -23.73 -12.55
N GLY D 1 24.87 39.65 26.33
CA GLY D 1 24.05 38.59 26.95
C GLY D 1 22.60 39.04 27.08
N LEU D 2 21.69 38.68 26.20
CA LEU D 2 20.28 39.04 26.32
C LEU D 2 19.67 38.38 27.53
N PRO D 3 19.09 39.13 28.46
CA PRO D 3 18.44 38.55 29.63
C PRO D 3 17.30 37.61 29.24
N VAL D 4 17.37 36.33 29.56
CA VAL D 4 16.29 35.39 29.28
C VAL D 4 15.76 34.65 30.51
N LEU D 5 14.54 34.13 30.45
CA LEU D 5 13.98 33.37 31.55
C LEU D 5 13.35 32.10 31.00
N ASN D 6 13.88 30.98 31.42
CA ASN D 6 13.41 29.67 31.03
C ASN D 6 12.01 29.33 31.49
N THR D 7 11.06 29.15 30.59
CA THR D 7 9.69 28.82 30.97
C THR D 7 9.47 27.33 31.20
N PRO D 8 8.42 26.85 31.89
CA PRO D 8 8.08 25.44 31.89
C PRO D 8 7.97 24.83 30.50
N GLY D 9 8.30 23.55 30.40
CA GLY D 9 8.43 22.89 29.13
C GLY D 9 9.88 22.83 28.67
N SER D 10 10.72 23.74 29.15
CA SER D 10 12.14 23.76 28.86
C SER D 10 12.90 22.45 29.03
N ASN D 11 13.66 22.04 28.02
CA ASN D 11 14.45 20.80 27.95
C ASN D 11 13.68 19.51 27.86
N GLN D 12 12.37 19.58 27.64
CA GLN D 12 11.59 18.37 27.45
C GLN D 12 11.69 17.87 26.02
N TYR D 13 11.23 16.66 25.80
CA TYR D 13 11.09 16.16 24.45
C TYR D 13 9.67 15.66 24.16
N LEU D 14 9.00 16.37 23.25
CA LEU D 14 7.68 15.93 22.78
C LEU D 14 7.73 15.31 21.39
N THR D 15 7.41 14.01 21.28
CA THR D 15 7.27 13.23 20.05
C THR D 15 6.49 13.92 18.93
N SER D 16 5.47 14.69 19.32
CA SER D 16 4.62 15.51 18.46
C SER D 16 5.16 16.90 18.10
N ASP D 17 6.36 17.28 18.47
CA ASP D 17 6.77 18.63 18.22
C ASP D 17 7.21 18.93 16.81
N ASN D 18 7.40 20.22 16.54
CA ASN D 18 7.85 20.65 15.24
C ASN D 18 8.96 21.71 15.26
N HIS D 19 10.23 21.30 15.38
CA HIS D 19 11.31 22.26 15.47
C HIS D 19 12.51 22.04 14.56
N GLN D 20 13.29 23.09 14.40
CA GLN D 20 14.55 23.00 13.67
C GLN D 20 15.63 22.32 14.49
N SER D 21 16.64 21.79 13.82
CA SER D 21 17.78 21.16 14.47
C SER D 21 19.00 21.15 13.55
N PRO D 22 20.27 21.08 14.01
CA PRO D 22 21.43 21.07 13.15
C PRO D 22 21.48 19.96 12.10
N CYS D 23 21.90 20.24 10.89
CA CYS D 23 22.06 19.20 9.87
C CYS D 23 23.37 18.44 10.01
N ALA D 24 23.33 17.15 10.31
CA ALA D 24 24.54 16.35 10.45
C ALA D 24 25.38 16.15 9.20
N ILE D 25 24.83 16.27 8.00
CA ILE D 25 25.59 16.18 6.77
C ILE D 25 25.41 17.48 5.98
N PRO D 26 26.16 18.55 6.32
CA PRO D 26 26.08 19.84 5.67
C PRO D 26 26.44 19.81 4.20
N GLU D 27 25.93 20.78 3.43
CA GLU D 27 26.18 20.94 2.00
C GLU D 27 26.12 19.73 1.09
N PHE D 28 25.44 18.69 1.54
CA PHE D 28 25.23 17.46 0.81
C PHE D 28 24.53 17.64 -0.53
N ASP D 29 25.06 17.09 -1.61
CA ASP D 29 24.40 17.22 -2.90
C ASP D 29 23.20 16.28 -3.11
N VAL D 30 22.02 16.73 -2.78
CA VAL D 30 20.81 15.93 -2.89
C VAL D 30 20.36 15.49 -4.27
N THR D 31 20.04 14.22 -4.48
CA THR D 31 19.46 13.75 -5.74
C THR D 31 18.13 14.44 -6.01
N PRO D 32 17.92 15.05 -7.17
CA PRO D 32 16.64 15.67 -7.52
C PRO D 32 15.48 14.69 -7.63
N PRO D 33 14.22 15.14 -7.47
CA PRO D 33 13.07 14.31 -7.69
C PRO D 33 12.87 14.00 -9.17
N ILE D 34 12.24 12.88 -9.51
CA ILE D 34 11.71 12.69 -10.86
C ILE D 34 10.22 12.51 -10.78
N ASP D 35 9.47 12.69 -11.85
CA ASP D 35 8.03 12.52 -11.79
C ASP D 35 7.61 11.04 -11.81
N ILE D 36 7.55 10.45 -10.63
CA ILE D 36 7.11 9.08 -10.45
C ILE D 36 5.57 9.00 -10.57
N PRO D 37 4.93 8.11 -11.32
CA PRO D 37 3.49 7.95 -11.26
C PRO D 37 2.93 7.46 -9.91
N GLY D 38 1.69 7.79 -9.56
CA GLY D 38 1.06 7.32 -8.33
C GLY D 38 1.28 8.08 -7.03
N GLU D 39 1.53 9.39 -7.05
CA GLU D 39 1.74 10.14 -5.81
C GLU D 39 0.52 10.34 -4.92
N VAL D 40 0.69 10.22 -3.61
CA VAL D 40 -0.40 10.44 -2.65
C VAL D 40 -0.22 11.67 -1.80
N LYS D 41 -1.21 12.56 -1.72
CA LYS D 41 -1.13 13.72 -0.83
C LYS D 41 -1.85 13.60 0.50
N ASN D 42 -2.81 12.69 0.62
CA ASN D 42 -3.57 12.55 1.86
C ASN D 42 -4.02 11.12 2.10
N MET D 43 -3.96 10.57 3.31
CA MET D 43 -4.37 9.19 3.59
C MET D 43 -5.83 8.86 3.22
N MET D 44 -6.66 9.90 3.29
CA MET D 44 -8.06 9.81 2.93
C MET D 44 -8.31 9.42 1.47
N GLU D 45 -7.37 9.71 0.58
CA GLU D 45 -7.40 9.25 -0.80
C GLU D 45 -7.45 7.72 -0.89
N LEU D 46 -6.69 7.04 -0.02
CA LEU D 46 -6.64 5.60 -0.01
C LEU D 46 -7.95 4.99 0.48
N ALA D 47 -8.58 5.64 1.46
CA ALA D 47 -9.89 5.24 1.95
C ALA D 47 -11.05 5.45 0.98
N GLU D 48 -10.86 6.24 -0.06
CA GLU D 48 -11.84 6.45 -1.10
C GLU D 48 -11.77 5.43 -2.23
N ILE D 49 -10.78 4.56 -2.20
CA ILE D 49 -10.65 3.49 -3.17
C ILE D 49 -11.47 2.28 -2.72
N ASP D 50 -12.39 1.78 -3.50
CA ASP D 50 -13.08 0.54 -3.17
C ASP D 50 -12.18 -0.66 -2.85
N THR D 51 -12.29 -1.28 -1.70
CA THR D 51 -11.59 -2.52 -1.42
C THR D 51 -12.60 -3.55 -0.98
N MET D 52 -12.30 -4.83 -1.27
CA MET D 52 -13.23 -5.92 -1.02
C MET D 52 -13.36 -6.33 0.45
N ILE D 53 -14.61 -6.38 0.89
CA ILE D 53 -14.99 -6.72 2.26
C ILE D 53 -14.92 -8.21 2.60
N PRO D 54 -14.24 -8.65 3.66
CA PRO D 54 -14.36 -10.02 4.16
C PRO D 54 -15.74 -10.24 4.81
N LEU D 55 -16.80 -10.26 4.00
CA LEU D 55 -18.16 -10.39 4.52
C LEU D 55 -18.52 -11.69 5.21
N ASN D 56 -17.83 -12.74 4.86
CA ASN D 56 -18.09 -14.07 5.39
C ASN D 56 -17.03 -14.61 6.36
N LEU D 57 -17.15 -14.24 7.62
CA LEU D 57 -16.17 -14.69 8.62
C LEU D 57 -16.56 -15.88 9.47
N GLU D 58 -17.34 -16.79 8.87
CA GLU D 58 -17.74 -18.01 9.55
C GLU D 58 -16.55 -18.95 9.75
N SER D 59 -16.63 -19.81 10.77
CA SER D 59 -15.58 -20.75 11.15
C SER D 59 -14.62 -21.32 10.12
N THR D 60 -15.11 -21.90 9.04
CA THR D 60 -14.23 -22.45 8.01
C THR D 60 -13.92 -21.51 6.87
N LYS D 61 -14.66 -20.40 6.78
CA LYS D 61 -14.50 -19.44 5.72
C LYS D 61 -13.48 -18.35 6.05
N ARG D 62 -13.39 -17.88 7.30
CA ARG D 62 -12.44 -16.83 7.63
C ARG D 62 -10.98 -17.18 7.36
N ASN D 63 -10.14 -16.19 7.04
CA ASN D 63 -8.72 -16.39 6.69
C ASN D 63 -8.48 -17.41 5.57
N THR D 64 -9.41 -17.29 4.64
CA THR D 64 -9.49 -18.15 3.47
C THR D 64 -10.00 -17.33 2.29
N MET D 65 -9.86 -17.71 1.02
CA MET D 65 -10.42 -16.91 -0.09
C MET D 65 -11.94 -16.76 -0.05
N ASP D 66 -12.61 -17.79 0.49
CA ASP D 66 -14.05 -17.76 0.68
C ASP D 66 -14.62 -16.73 1.64
N MET D 67 -13.81 -16.11 2.50
CA MET D 67 -14.29 -15.04 3.38
C MET D 67 -14.84 -13.84 2.60
N TYR D 68 -14.41 -13.72 1.35
CA TYR D 68 -14.86 -12.69 0.43
C TYR D 68 -16.11 -13.02 -0.37
N ARG D 69 -16.55 -14.26 -0.30
CA ARG D 69 -17.67 -14.75 -1.08
C ARG D 69 -18.98 -14.96 -0.35
N VAL D 70 -20.04 -14.23 -0.69
CA VAL D 70 -21.34 -14.51 -0.09
C VAL D 70 -22.17 -15.33 -1.07
N THR D 71 -22.62 -16.53 -0.71
CA THR D 71 -23.46 -17.34 -1.61
C THR D 71 -24.91 -16.91 -1.73
N LEU D 72 -25.24 -16.55 -2.95
CA LEU D 72 -26.61 -16.29 -3.35
C LEU D 72 -27.15 -17.54 -4.03
N SER D 73 -28.42 -17.84 -3.83
CA SER D 73 -29.01 -19.06 -4.37
C SER D 73 -30.47 -18.96 -4.75
N ASP D 74 -30.90 -19.64 -5.81
CA ASP D 74 -32.33 -19.63 -6.17
C ASP D 74 -33.25 -20.37 -5.21
N SER D 75 -32.69 -21.18 -4.34
CA SER D 75 -33.44 -21.88 -3.33
C SER D 75 -33.16 -21.40 -1.91
N ALA D 76 -32.58 -20.21 -1.77
CA ALA D 76 -32.39 -19.60 -0.46
C ALA D 76 -33.68 -19.34 0.31
N ASP D 77 -33.73 -19.44 1.65
CA ASP D 77 -34.94 -19.07 2.38
C ASP D 77 -35.16 -17.56 2.32
N LEU D 78 -36.07 -17.15 1.45
CA LEU D 78 -36.38 -15.74 1.23
C LEU D 78 -36.73 -14.89 2.43
N SER D 79 -37.21 -15.47 3.51
CA SER D 79 -37.49 -14.72 4.74
C SER D 79 -36.25 -14.27 5.50
N GLN D 80 -35.16 -15.00 5.39
CA GLN D 80 -33.94 -14.69 6.12
C GLN D 80 -33.07 -13.60 5.54
N PRO D 81 -32.28 -12.89 6.33
CA PRO D 81 -31.26 -11.98 5.83
C PRO D 81 -30.16 -12.66 5.02
N ILE D 82 -29.72 -12.11 3.90
CA ILE D 82 -28.54 -12.61 3.20
C ILE D 82 -27.29 -12.31 4.04
N LEU D 83 -27.21 -11.11 4.58
CA LEU D 83 -26.12 -10.69 5.46
C LEU D 83 -26.52 -9.58 6.41
N CYS D 84 -25.91 -9.55 7.57
CA CYS D 84 -26.15 -8.49 8.55
C CYS D 84 -24.83 -7.96 9.04
N LEU D 85 -24.72 -6.65 9.26
CA LEU D 85 -23.46 -6.05 9.61
C LEU D 85 -23.60 -4.75 10.40
N SER D 86 -22.75 -4.49 11.39
CA SER D 86 -22.76 -3.21 12.09
C SER D 86 -21.95 -2.09 11.48
N LEU D 87 -22.45 -0.85 11.44
CA LEU D 87 -21.69 0.25 10.90
C LEU D 87 -20.62 0.77 11.86
N SER D 88 -19.57 -0.03 11.98
CA SER D 88 -18.41 0.31 12.78
C SER D 88 -17.14 0.16 11.95
N PRO D 89 -16.85 1.11 11.06
CA PRO D 89 -15.83 0.98 10.02
C PRO D 89 -14.45 0.53 10.45
N ALA D 90 -13.98 0.95 11.62
CA ALA D 90 -12.68 0.55 12.12
C ALA D 90 -12.67 -0.62 13.10
N PHE D 91 -13.84 -1.01 13.58
CA PHE D 91 -13.95 -2.03 14.63
C PHE D 91 -14.61 -3.33 14.22
N ASP D 92 -15.69 -3.29 13.43
CA ASP D 92 -16.40 -4.49 13.02
C ASP D 92 -15.49 -5.43 12.23
N PRO D 93 -15.38 -6.72 12.53
CA PRO D 93 -14.38 -7.60 11.93
C PRO D 93 -14.37 -7.67 10.41
N ARG D 94 -15.53 -7.49 9.80
CA ARG D 94 -15.68 -7.45 8.36
C ARG D 94 -15.20 -6.16 7.72
N LEU D 95 -15.25 -5.07 8.47
CA LEU D 95 -14.81 -3.75 7.98
C LEU D 95 -13.44 -3.27 8.42
N SER D 96 -13.00 -3.62 9.62
CA SER D 96 -11.73 -3.19 10.23
C SER D 96 -10.42 -3.44 9.48
N HIS D 97 -10.39 -4.44 8.62
CA HIS D 97 -9.20 -4.74 7.82
C HIS D 97 -9.26 -4.39 6.35
N THR D 98 -10.34 -3.72 5.94
CA THR D 98 -10.46 -3.17 4.59
C THR D 98 -9.51 -1.98 4.47
N MET D 99 -9.15 -1.40 3.33
CA MET D 99 -8.25 -0.24 3.34
C MET D 99 -8.79 0.94 4.15
N LEU D 100 -10.12 1.12 4.11
CA LEU D 100 -10.82 2.11 4.92
C LEU D 100 -10.62 1.87 6.42
N GLY D 101 -10.93 0.64 6.85
CA GLY D 101 -10.79 0.24 8.25
C GLY D 101 -9.36 0.40 8.75
N GLU D 102 -8.40 0.09 7.89
CA GLU D 102 -7.01 0.25 8.21
C GLU D 102 -6.53 1.67 8.42
N VAL D 103 -6.88 2.61 7.55
CA VAL D 103 -6.56 4.02 7.72
C VAL D 103 -7.25 4.55 8.97
N LEU D 104 -8.54 4.25 9.16
CA LEU D 104 -9.28 4.67 10.35
C LEU D 104 -8.73 4.14 11.66
N ASN D 105 -8.09 2.98 11.66
CA ASN D 105 -7.44 2.43 12.85
C ASN D 105 -6.15 3.14 13.29
N TYR D 106 -5.67 4.09 12.51
CA TYR D 106 -4.58 4.98 12.91
C TYR D 106 -5.10 6.31 13.42
N TYR D 107 -6.43 6.41 13.56
CA TYR D 107 -7.09 7.61 14.04
C TYR D 107 -8.16 7.30 15.11
N THR D 108 -8.45 8.26 15.96
CA THR D 108 -9.42 8.05 17.03
C THR D 108 -10.86 8.38 16.63
N HIS D 109 -11.03 9.33 15.72
CA HIS D 109 -12.37 9.80 15.35
C HIS D 109 -12.66 9.79 13.86
N TRP D 110 -13.83 9.34 13.42
CA TRP D 110 -14.21 9.42 12.01
C TRP D 110 -15.52 10.16 11.79
N ALA D 111 -15.68 10.76 10.63
CA ALA D 111 -16.96 11.40 10.23
C ALA D 111 -17.18 11.37 8.72
N GLY D 112 -18.42 11.38 8.28
CA GLY D 112 -18.74 11.33 6.85
C GLY D 112 -19.54 10.14 6.35
N SER D 113 -20.00 10.26 5.12
CA SER D 113 -20.73 9.20 4.44
C SER D 113 -19.87 8.11 3.79
N LEU D 114 -20.37 6.90 3.86
CA LEU D 114 -19.73 5.71 3.31
C LEU D 114 -20.55 5.11 2.16
N LYS D 115 -19.95 4.37 1.25
CA LYS D 115 -20.72 3.69 0.24
C LYS D 115 -20.31 2.25 0.02
N PHE D 116 -21.31 1.39 0.09
CA PHE D 116 -21.13 -0.04 -0.12
C PHE D 116 -21.52 -0.45 -1.54
N THR D 117 -20.64 -1.15 -2.24
CA THR D 117 -20.95 -1.60 -3.59
C THR D 117 -20.89 -3.12 -3.73
N PHE D 118 -21.96 -3.71 -4.24
CA PHE D 118 -22.02 -5.16 -4.41
C PHE D 118 -21.95 -5.60 -5.87
N LEU D 119 -21.17 -6.66 -6.09
CA LEU D 119 -20.97 -7.25 -7.38
C LEU D 119 -21.56 -8.64 -7.51
N PHE D 120 -22.45 -8.80 -8.50
CA PHE D 120 -23.03 -10.10 -8.82
C PHE D 120 -22.13 -10.94 -9.74
N CYS D 121 -21.54 -12.00 -9.18
CA CYS D 121 -20.65 -12.85 -9.96
C CYS D 121 -21.29 -14.16 -10.43
N GLY D 122 -22.57 -14.08 -10.72
CA GLY D 122 -23.32 -15.20 -11.24
C GLY D 122 -23.26 -15.31 -12.76
N SER D 123 -23.96 -16.25 -13.38
CA SER D 123 -23.97 -16.33 -14.84
C SER D 123 -24.87 -15.26 -15.46
N MET D 124 -24.76 -14.93 -16.75
CA MET D 124 -25.59 -13.91 -17.39
C MET D 124 -27.06 -14.30 -17.50
N MET D 125 -27.35 -15.57 -17.52
CA MET D 125 -28.72 -16.08 -17.53
C MET D 125 -29.45 -15.96 -16.19
N ALA D 126 -28.72 -15.68 -15.13
CA ALA D 126 -29.28 -15.46 -13.82
C ALA D 126 -29.87 -14.07 -13.59
N THR D 127 -31.07 -14.02 -13.05
CA THR D 127 -31.72 -12.75 -12.75
C THR D 127 -32.11 -12.60 -11.29
N GLY D 128 -32.48 -11.42 -10.81
CA GLY D 128 -32.93 -11.28 -9.43
C GLY D 128 -33.08 -9.86 -8.92
N LYS D 129 -33.85 -9.67 -7.88
CA LYS D 129 -33.95 -8.35 -7.26
C LYS D 129 -33.64 -8.46 -5.77
N ILE D 130 -32.73 -7.63 -5.31
CA ILE D 130 -32.24 -7.63 -3.93
C ILE D 130 -32.46 -6.31 -3.22
N LEU D 131 -32.89 -6.31 -1.96
CA LEU D 131 -32.98 -5.08 -1.19
C LEU D 131 -31.82 -4.93 -0.20
N VAL D 132 -31.03 -3.89 -0.36
CA VAL D 132 -29.94 -3.62 0.57
C VAL D 132 -30.26 -2.36 1.37
N ALA D 133 -30.05 -2.45 2.68
CA ALA D 133 -30.45 -1.41 3.60
C ALA D 133 -29.55 -0.93 4.74
N TYR D 134 -29.86 0.25 5.24
CA TYR D 134 -29.21 0.93 6.35
C TYR D 134 -30.17 1.55 7.35
N ALA D 135 -30.14 1.01 8.55
CA ALA D 135 -30.93 1.50 9.68
C ALA D 135 -30.06 2.32 10.63
N PRO D 136 -30.23 3.64 10.71
CA PRO D 136 -29.61 4.43 11.77
C PRO D 136 -29.88 3.91 13.19
N PRO D 137 -28.99 4.09 14.16
CA PRO D 137 -29.07 3.41 15.46
C PRO D 137 -30.31 3.72 16.30
N GLY D 138 -30.55 3.02 17.42
CA GLY D 138 -31.66 3.40 18.30
C GLY D 138 -32.85 2.45 18.42
N ALA D 139 -33.07 1.66 17.38
CA ALA D 139 -34.10 0.66 17.39
C ALA D 139 -33.58 -0.77 17.29
N GLN D 140 -34.48 -1.72 17.24
CA GLN D 140 -34.16 -3.12 17.06
C GLN D 140 -33.47 -3.37 15.75
N PRO D 141 -32.28 -4.00 15.73
CA PRO D 141 -31.58 -4.32 14.49
C PRO D 141 -32.41 -5.22 13.59
N PRO D 142 -32.67 -4.89 12.32
CA PRO D 142 -33.61 -5.62 11.50
C PRO D 142 -33.39 -7.11 11.29
N THR D 143 -34.44 -7.85 11.52
CA THR D 143 -34.46 -9.29 11.32
C THR D 143 -35.32 -9.73 10.16
N SER D 144 -36.21 -8.84 9.72
CA SER D 144 -37.08 -9.09 8.60
C SER D 144 -36.93 -8.02 7.51
N ARG D 145 -37.15 -8.33 6.23
CA ARG D 145 -37.17 -7.32 5.17
C ARG D 145 -38.17 -6.22 5.48
N LYS D 146 -39.29 -6.64 6.05
CA LYS D 146 -40.35 -5.74 6.50
C LYS D 146 -39.83 -4.60 7.37
N GLU D 147 -39.02 -4.94 8.35
CA GLU D 147 -38.39 -3.91 9.16
C GLU D 147 -37.30 -3.15 8.44
N ALA D 148 -36.43 -3.84 7.69
CA ALA D 148 -35.39 -3.18 6.91
C ALA D 148 -35.85 -2.16 5.86
N MET D 149 -36.98 -2.42 5.21
CA MET D 149 -37.60 -1.55 4.20
C MET D 149 -37.77 -0.12 4.73
N LEU D 150 -38.13 0.00 6.00
CA LEU D 150 -38.39 1.25 6.68
C LEU D 150 -37.26 2.25 6.86
N GLY D 151 -36.03 1.80 6.69
CA GLY D 151 -34.88 2.66 6.78
C GLY D 151 -34.30 2.98 5.40
N THR D 152 -33.10 3.55 5.35
CA THR D 152 -32.44 3.90 4.08
C THR D 152 -32.20 2.66 3.25
N HIS D 153 -32.62 2.59 2.01
CA HIS D 153 -32.41 1.40 1.22
C HIS D 153 -32.44 1.55 -0.29
N VAL D 154 -31.82 0.60 -0.95
CA VAL D 154 -31.78 0.53 -2.40
C VAL D 154 -32.31 -0.82 -2.87
N ILE D 155 -33.26 -0.86 -3.79
CA ILE D 155 -33.64 -2.13 -4.43
C ILE D 155 -32.82 -2.26 -5.72
N TRP D 156 -31.90 -3.21 -5.66
CA TRP D 156 -30.99 -3.57 -6.74
C TRP D 156 -31.58 -4.58 -7.72
N ASP D 157 -31.68 -4.20 -8.98
CA ASP D 157 -32.12 -5.15 -9.99
C ASP D 157 -30.92 -5.72 -10.75
N LEU D 158 -30.70 -7.03 -10.73
CA LEU D 158 -29.56 -7.61 -11.45
C LEU D 158 -29.74 -7.48 -12.97
N GLY D 159 -28.69 -7.24 -13.73
CA GLY D 159 -28.82 -7.03 -15.16
C GLY D 159 -27.48 -6.70 -15.82
N LEU D 160 -27.37 -6.02 -16.98
CA LEU D 160 -26.06 -5.76 -17.61
C LEU D 160 -25.10 -4.97 -16.75
N GLN D 161 -25.60 -3.94 -16.06
CA GLN D 161 -24.79 -3.24 -15.10
C GLN D 161 -24.74 -4.20 -13.93
N SER D 162 -23.55 -4.72 -13.68
CA SER D 162 -23.37 -5.80 -12.71
C SER D 162 -23.35 -5.52 -11.22
N SER D 163 -23.14 -4.25 -10.94
CA SER D 163 -22.90 -3.81 -9.56
C SER D 163 -23.87 -2.76 -9.08
N CYS D 164 -24.12 -2.74 -7.77
CA CYS D 164 -24.99 -1.73 -7.18
C CYS D 164 -24.35 -0.99 -6.02
N THR D 165 -24.61 0.32 -5.91
CA THR D 165 -24.04 1.09 -4.81
C THR D 165 -25.05 1.70 -3.86
N MET D 166 -24.99 1.27 -2.60
CA MET D 166 -25.77 1.92 -1.57
C MET D 166 -24.91 2.89 -0.78
N VAL D 167 -25.28 4.17 -0.78
CA VAL D 167 -24.62 5.15 0.07
C VAL D 167 -25.22 5.17 1.49
N VAL D 168 -24.39 5.02 2.51
CA VAL D 168 -24.80 5.19 3.91
C VAL D 168 -24.54 6.67 4.26
N PRO D 169 -25.58 7.52 4.27
CA PRO D 169 -25.46 8.94 4.47
C PRO D 169 -24.98 9.27 5.87
N TRP D 170 -24.16 10.29 6.10
CA TRP D 170 -23.79 10.68 7.46
C TRP D 170 -24.99 11.13 8.29
N ILE D 171 -25.54 10.23 9.09
CA ILE D 171 -26.63 10.56 10.01
C ILE D 171 -26.15 10.25 11.42
N SER D 172 -25.67 11.28 12.10
CA SER D 172 -25.13 11.13 13.44
C SER D 172 -25.54 12.24 14.38
N ASN D 173 -25.56 11.98 15.68
CA ASN D 173 -25.78 13.04 16.65
C ASN D 173 -24.50 13.82 16.95
N VAL D 174 -23.41 13.10 17.17
CA VAL D 174 -22.11 13.72 17.42
C VAL D 174 -21.45 14.17 16.12
N THR D 175 -20.55 15.15 16.16
CA THR D 175 -19.91 15.65 14.94
C THR D 175 -18.85 14.72 14.35
N TYR D 176 -18.34 13.88 15.22
CA TYR D 176 -17.37 12.84 14.96
C TYR D 176 -17.66 11.59 15.78
N ARG D 177 -17.71 10.41 15.18
CA ARG D 177 -17.84 9.17 15.94
C ARG D 177 -16.48 8.60 16.28
N GLN D 178 -16.43 7.68 17.21
CA GLN D 178 -15.18 7.01 17.55
C GLN D 178 -14.81 5.86 16.63
N THR D 179 -13.55 5.55 16.43
CA THR D 179 -13.19 4.39 15.62
C THR D 179 -13.38 3.08 16.40
N THR D 180 -13.24 3.09 17.71
CA THR D 180 -13.63 1.93 18.53
C THR D 180 -15.11 1.83 18.76
N GLN D 181 -15.48 0.61 19.18
CA GLN D 181 -16.84 0.32 19.58
C GLN D 181 -17.33 1.11 20.80
N ASP D 182 -18.49 1.71 20.67
CA ASP D 182 -19.05 2.51 21.73
C ASP D 182 -20.51 2.80 21.51
N SER D 183 -21.45 2.40 22.36
CA SER D 183 -22.87 2.69 22.13
C SER D 183 -23.25 4.14 21.97
N PHE D 184 -22.58 5.03 22.72
CA PHE D 184 -22.78 6.46 22.56
C PHE D 184 -22.45 6.98 21.15
N THR D 185 -21.52 6.37 20.43
CA THR D 185 -21.23 6.81 19.06
C THR D 185 -21.49 5.73 18.03
N GLU D 186 -22.45 4.85 18.26
CA GLU D 186 -22.77 3.80 17.31
C GLU D 186 -23.36 4.27 15.99
N GLY D 187 -23.07 3.59 14.88
CA GLY D 187 -23.54 4.04 13.57
C GLY D 187 -24.77 3.37 12.99
N GLY D 188 -25.28 2.32 13.57
CA GLY D 188 -26.42 1.63 13.00
C GLY D 188 -26.13 0.30 12.29
N TYR D 189 -27.10 -0.15 11.52
CA TYR D 189 -27.12 -1.48 10.96
C TYR D 189 -27.33 -1.64 9.47
N ILE D 190 -26.50 -2.42 8.83
CA ILE D 190 -26.64 -2.74 7.42
C ILE D 190 -27.13 -4.17 7.24
N SER D 191 -28.15 -4.31 6.41
CA SER D 191 -28.73 -5.61 6.15
C SER D 191 -29.16 -5.81 4.72
N MET D 192 -29.18 -7.06 4.28
CA MET D 192 -29.58 -7.40 2.92
C MET D 192 -30.62 -8.50 2.84
N PHE D 193 -31.57 -8.34 1.94
CA PHE D 193 -32.68 -9.26 1.73
C PHE D 193 -33.00 -9.52 0.27
N TYR D 194 -33.63 -10.64 -0.08
CA TYR D 194 -34.09 -10.82 -1.44
C TYR D 194 -35.37 -10.05 -1.62
N GLN D 195 -35.47 -9.21 -2.64
CA GLN D 195 -36.71 -8.51 -2.93
C GLN D 195 -37.69 -9.43 -3.68
N THR D 196 -37.14 -10.22 -4.57
CA THR D 196 -37.89 -11.29 -5.23
C THR D 196 -37.11 -12.57 -4.96
N ARG D 197 -36.35 -13.14 -5.87
CA ARG D 197 -35.43 -14.24 -5.62
C ARG D 197 -34.49 -14.40 -6.82
N ILE D 198 -33.38 -15.13 -6.71
CA ILE D 198 -32.55 -15.41 -7.86
C ILE D 198 -33.31 -16.41 -8.72
N VAL D 199 -33.48 -16.13 -10.01
CA VAL D 199 -34.12 -17.07 -10.91
C VAL D 199 -33.15 -17.42 -12.04
N VAL D 200 -32.89 -18.71 -12.24
CA VAL D 200 -32.09 -19.21 -13.36
C VAL D 200 -32.88 -20.11 -14.31
N PRO D 201 -32.45 -20.30 -15.56
CA PRO D 201 -32.99 -21.32 -16.44
C PRO D 201 -32.39 -22.71 -16.14
N LEU D 202 -32.78 -23.74 -16.85
CA LEU D 202 -32.11 -25.03 -16.74
C LEU D 202 -30.69 -24.98 -17.31
N SER D 203 -29.83 -25.95 -17.03
CA SER D 203 -28.43 -26.00 -17.47
C SER D 203 -27.59 -24.82 -17.00
N THR D 204 -28.09 -24.17 -15.99
CA THR D 204 -27.47 -22.96 -15.43
C THR D 204 -27.15 -23.22 -13.97
N PRO D 205 -26.02 -22.85 -13.37
CA PRO D 205 -25.83 -22.93 -11.94
C PRO D 205 -26.83 -22.17 -11.07
N LYS D 206 -27.44 -22.88 -10.15
CA LYS D 206 -28.44 -22.36 -9.21
C LYS D 206 -27.90 -21.59 -8.02
N SER D 207 -26.59 -21.55 -7.93
CA SER D 207 -25.86 -20.94 -6.84
C SER D 207 -24.70 -20.13 -7.32
N MET D 208 -24.41 -19.01 -6.67
CA MET D 208 -23.31 -18.15 -7.09
C MET D 208 -22.84 -17.18 -6.04
N SER D 209 -21.69 -16.55 -6.28
CA SER D 209 -21.16 -15.57 -5.34
C SER D 209 -21.48 -14.11 -5.58
N MET D 210 -21.60 -13.43 -4.47
CA MET D 210 -21.70 -11.99 -4.44
C MET D 210 -20.48 -11.46 -3.70
N LEU D 211 -19.77 -10.56 -4.34
CA LEU D 211 -18.64 -9.89 -3.73
C LEU D 211 -19.07 -8.48 -3.26
N GLY D 212 -18.53 -7.96 -2.19
CA GLY D 212 -18.88 -6.62 -1.71
C GLY D 212 -17.69 -5.71 -1.47
N PHE D 213 -17.86 -4.42 -1.68
CA PHE D 213 -16.80 -3.41 -1.59
C PHE D 213 -17.17 -2.21 -0.74
N VAL D 214 -16.20 -1.60 -0.06
CA VAL D 214 -16.47 -0.40 0.70
C VAL D 214 -15.45 0.71 0.44
N SER D 215 -15.99 1.91 0.41
CA SER D 215 -15.20 3.11 0.27
C SER D 215 -15.83 4.35 0.83
N ALA D 216 -15.01 5.35 1.15
CA ALA D 216 -15.50 6.61 1.67
C ALA D 216 -15.99 7.61 0.65
N CYS D 217 -17.04 8.37 0.95
CA CYS D 217 -17.49 9.44 0.10
C CYS D 217 -16.62 10.71 0.28
N ASN D 218 -16.66 11.70 -0.60
CA ASN D 218 -15.83 12.90 -0.46
C ASN D 218 -16.05 13.82 0.74
N ASP D 219 -17.03 13.51 1.55
CA ASP D 219 -17.26 14.26 2.77
C ASP D 219 -16.61 13.61 3.97
N PHE D 220 -15.99 12.45 3.83
CA PHE D 220 -15.39 11.73 4.93
C PHE D 220 -14.04 12.27 5.41
N SER D 221 -13.88 12.39 6.73
CA SER D 221 -12.60 12.78 7.29
C SER D 221 -12.33 12.05 8.61
N VAL D 222 -11.08 12.11 9.04
CA VAL D 222 -10.65 11.49 10.29
C VAL D 222 -9.79 12.42 11.14
N ARG D 223 -9.70 12.18 12.45
CA ARG D 223 -8.82 12.96 13.31
C ARG D 223 -8.35 12.27 14.58
N LEU D 224 -7.43 12.91 15.29
CA LEU D 224 -6.66 12.41 16.43
C LEU D 224 -5.87 11.14 16.12
N LEU D 225 -4.69 11.35 15.56
CA LEU D 225 -3.76 10.28 15.20
C LEU D 225 -3.41 9.39 16.38
N ARG D 226 -3.39 8.09 16.17
CA ARG D 226 -3.10 7.12 17.20
C ARG D 226 -2.45 5.83 16.71
N ASP D 227 -1.88 5.04 17.61
CA ASP D 227 -1.35 3.77 17.17
C ASP D 227 -2.42 2.69 16.94
N THR D 228 -2.23 1.91 15.91
CA THR D 228 -3.14 0.84 15.57
C THR D 228 -2.92 -0.40 16.43
N THR D 229 -3.95 -1.15 16.66
CA THR D 229 -3.85 -2.48 17.28
C THR D 229 -3.55 -3.55 16.25
N HIS D 230 -3.57 -3.21 14.97
CA HIS D 230 -3.37 -4.16 13.88
C HIS D 230 -1.95 -4.62 13.58
N ILE D 231 -0.98 -4.22 14.38
CA ILE D 231 0.41 -4.67 14.26
C ILE D 231 1.02 -4.65 15.65
N SER D 232 1.88 -5.58 16.00
CA SER D 232 2.53 -5.55 17.30
C SER D 232 3.90 -6.21 17.29
N GLN D 233 4.58 -6.45 18.41
CA GLN D 233 5.94 -7.00 18.38
C GLN D 233 6.39 -7.69 19.66
N SER D 234 6.80 -8.96 19.57
CA SER D 234 7.29 -9.71 20.73
C SER D 234 8.63 -9.30 21.32
N ALA D 235 8.83 -9.54 22.63
CA ALA D 235 10.12 -9.19 23.31
C ALA D 235 11.43 -9.70 22.69
N GLY E 1 14.07 38.11 7.28
CA GLY E 1 13.73 36.74 6.86
C GLY E 1 12.53 36.10 7.57
N ALA E 2 11.94 36.77 8.56
CA ALA E 2 10.73 36.30 9.22
C ALA E 2 9.55 36.07 8.28
N GLN E 3 8.92 34.97 8.49
CA GLN E 3 7.81 34.49 7.71
C GLN E 3 6.53 34.50 8.56
N VAL E 4 5.48 35.20 8.16
CA VAL E 4 4.25 35.32 8.97
C VAL E 4 2.99 34.71 8.36
N SER E 5 2.35 33.78 9.06
CA SER E 5 1.13 33.13 8.55
C SER E 5 -0.04 33.12 9.51
N SER E 6 -1.27 33.03 9.00
CA SER E 6 -2.44 32.88 9.86
C SER E 6 -2.64 31.51 10.46
N GLN E 7 -2.92 31.46 11.75
CA GLN E 7 -3.30 30.22 12.40
C GLN E 7 -4.73 29.79 12.07
N LYS E 8 -5.04 28.52 11.88
CA LYS E 8 -6.46 28.12 11.75
C LYS E 8 -7.01 27.99 13.18
N VAL E 9 -7.57 29.04 13.73
CA VAL E 9 -8.03 29.01 15.09
C VAL E 9 -9.24 28.11 15.43
N GLY E 10 -8.96 27.04 16.19
CA GLY E 10 -10.01 26.17 16.71
C GLY E 10 -10.83 26.79 17.88
N ALA E 11 -10.53 26.50 19.16
CA ALA E 11 -11.25 27.14 20.25
C ALA E 11 -10.89 28.63 20.45
N HIS E 12 -11.82 29.53 20.18
CA HIS E 12 -11.58 30.96 20.29
C HIS E 12 -11.78 31.52 21.69
N GLU E 13 -10.72 32.10 22.26
CA GLU E 13 -10.86 32.82 23.52
C GLU E 13 -11.94 33.89 23.47
N ASN E 14 -12.68 34.11 24.55
CA ASN E 14 -13.57 35.27 24.63
C ASN E 14 -13.00 36.68 24.43
N SER E 15 -11.87 36.95 23.76
CA SER E 15 -11.36 38.33 23.66
C SER E 15 -12.05 39.34 22.76
N SER E 22 -11.88 37.10 14.27
CA SER E 22 -10.61 37.80 13.97
C SER E 22 -9.38 36.93 13.70
N THR E 23 -8.42 37.37 12.87
CA THR E 23 -7.28 36.50 12.51
C THR E 23 -6.02 36.56 13.36
N ILE E 24 -5.52 35.40 13.80
CA ILE E 24 -4.31 35.37 14.62
C ILE E 24 -3.12 34.81 13.84
N ASN E 25 -1.91 35.34 14.04
CA ASN E 25 -0.76 34.87 13.28
C ASN E 25 0.37 34.23 14.03
N TYR E 26 1.26 33.54 13.34
CA TYR E 26 2.46 33.02 13.96
C TYR E 26 3.67 33.33 13.07
N THR E 27 4.82 33.44 13.70
CA THR E 27 6.04 33.83 13.01
C THR E 27 7.07 32.72 12.97
N THR E 28 7.71 32.58 11.84
CA THR E 28 8.74 31.57 11.63
C THR E 28 10.02 32.15 11.08
N ILE E 29 11.17 31.73 11.59
CA ILE E 29 12.47 32.12 11.03
C ILE E 29 13.37 30.91 10.92
N ASN E 30 13.93 30.65 9.76
CA ASN E 30 14.92 29.60 9.60
C ASN E 30 16.31 30.02 10.04
N TYR E 31 16.88 29.26 10.94
CA TYR E 31 18.21 29.54 11.50
C TYR E 31 19.38 28.87 10.79
N TYR E 32 19.06 27.91 9.92
CA TYR E 32 20.08 27.11 9.29
C TYR E 32 20.08 27.12 7.77
N LYS E 33 21.27 27.07 7.18
CA LYS E 33 21.43 27.00 5.73
C LYS E 33 20.87 25.76 5.04
N ASP E 34 20.99 24.59 5.64
CA ASP E 34 20.46 23.36 5.06
C ASP E 34 18.96 23.17 5.28
N SER E 35 18.14 23.17 4.23
CA SER E 35 16.70 22.96 4.39
C SER E 35 16.27 21.71 5.14
N ALA E 36 17.09 20.66 5.14
CA ALA E 36 16.85 19.47 5.95
C ALA E 36 16.66 19.80 7.44
N SER E 37 17.37 20.81 7.93
CA SER E 37 17.23 21.33 9.28
C SER E 37 15.91 22.00 9.63
N ASN E 38 15.18 22.40 8.60
CA ASN E 38 13.92 23.10 8.81
C ASN E 38 12.79 22.28 9.39
N ALA E 39 11.95 22.95 10.14
CA ALA E 39 10.74 22.31 10.63
C ALA E 39 9.76 21.99 9.49
N ALA E 40 8.65 21.39 9.78
CA ALA E 40 7.65 21.14 8.78
C ALA E 40 6.64 22.25 8.68
N SER E 41 6.50 22.90 7.53
CA SER E 41 5.46 23.91 7.32
C SER E 41 4.01 23.54 7.65
N LYS E 42 3.68 22.26 7.47
CA LYS E 42 2.35 21.69 7.65
C LYS E 42 1.18 22.39 6.95
N GLN E 43 1.50 23.08 5.87
CA GLN E 43 0.55 23.80 5.05
C GLN E 43 0.35 23.03 3.75
N ASP E 44 -0.24 21.86 3.86
CA ASP E 44 -0.17 20.96 2.72
C ASP E 44 -1.36 20.92 1.78
N TYR E 45 -1.06 21.16 0.50
CA TYR E 45 -2.15 21.20 -0.48
C TYR E 45 -2.69 19.80 -0.76
N SER E 46 -3.96 19.62 -1.09
CA SER E 46 -4.42 18.25 -1.40
C SER E 46 -4.52 17.96 -2.88
N GLN E 47 -5.18 16.86 -3.29
CA GLN E 47 -5.32 16.52 -4.72
C GLN E 47 -6.53 15.61 -4.96
N ASP E 48 -6.88 15.43 -6.22
CA ASP E 48 -7.92 14.49 -6.61
C ASP E 48 -7.51 13.01 -6.38
N PRO E 49 -8.34 12.13 -5.83
CA PRO E 49 -8.11 10.68 -5.83
C PRO E 49 -8.20 9.97 -7.18
N SER E 50 -8.79 10.58 -8.22
CA SER E 50 -8.99 9.95 -9.53
C SER E 50 -7.92 9.04 -10.12
N LYS E 51 -6.62 9.32 -9.97
CA LYS E 51 -5.59 8.41 -10.48
C LYS E 51 -5.70 7.02 -9.85
N PHE E 52 -6.28 6.96 -8.65
CA PHE E 52 -6.57 5.72 -7.93
C PHE E 52 -8.03 5.30 -8.08
N THR E 53 -8.98 6.20 -7.80
CA THR E 53 -10.42 5.85 -7.87
C THR E 53 -11.03 5.70 -9.26
N GLU E 54 -10.36 6.25 -10.25
CA GLU E 54 -10.81 6.22 -11.65
C GLU E 54 -9.77 6.15 -12.76
N PRO E 55 -8.83 5.18 -12.80
CA PRO E 55 -7.79 5.16 -13.82
C PRO E 55 -8.33 4.81 -15.21
N LEU E 56 -9.56 5.14 -15.62
CA LEU E 56 -10.07 4.69 -16.90
C LEU E 56 -9.69 5.56 -18.08
N LYS E 57 -9.31 4.94 -19.19
CA LYS E 57 -9.01 5.67 -20.42
C LYS E 57 -10.20 6.52 -20.88
N ASP E 58 -11.41 5.99 -20.88
CA ASP E 58 -12.58 6.82 -21.13
C ASP E 58 -13.31 7.09 -19.80
N VAL E 59 -12.99 8.15 -19.05
CA VAL E 59 -13.72 8.37 -17.80
C VAL E 59 -15.18 8.79 -18.00
N LEU E 60 -16.05 7.94 -17.48
CA LEU E 60 -17.46 8.19 -17.65
C LEU E 60 -18.18 8.84 -16.48
N ILE E 61 -19.27 9.51 -16.81
CA ILE E 61 -20.04 10.22 -15.81
C ILE E 61 -21.04 9.36 -15.02
N LYS E 62 -21.01 9.45 -13.69
CA LYS E 62 -21.86 8.60 -12.80
C LYS E 62 -23.34 8.40 -13.12
N THR E 63 -24.03 9.28 -13.87
CA THR E 63 -25.45 8.99 -14.13
C THR E 63 -25.69 8.16 -15.37
N ALA E 64 -24.65 8.02 -16.19
CA ALA E 64 -24.68 7.19 -17.41
C ALA E 64 -24.39 5.71 -17.12
N PRO E 65 -24.73 4.71 -17.93
CA PRO E 65 -24.35 3.32 -17.67
C PRO E 65 -22.85 3.07 -17.70
N ALA E 66 -22.25 2.49 -16.66
CA ALA E 66 -20.80 2.22 -16.64
C ALA E 66 -20.34 1.44 -17.87
N LEU E 67 -21.10 0.40 -18.19
CA LEU E 67 -20.88 -0.32 -19.41
C LEU E 67 -21.97 0.05 -20.39
N ASN E 68 -21.52 0.34 -21.60
CA ASN E 68 -22.42 0.72 -22.66
C ASN E 68 -22.02 -0.07 -23.90
C1 J80 F . 25.91 12.20 14.70
C2 J80 F . 25.01 11.67 13.62
C3 J80 F . 25.49 11.78 12.35
C4 J80 F . 24.74 11.23 11.32
C5 J80 F . 23.53 10.60 11.60
N4 J80 F . 23.13 10.53 12.89
N3 J80 F . 23.85 11.06 13.90
N6 J80 F . 22.92 9.99 10.57
C7 J80 F . 21.81 9.08 10.89
C8 J80 F . 21.13 8.51 9.65
C9 J80 F . 22.07 8.19 8.53
C10 J80 F . 22.76 9.42 8.07
C11 J80 F . 23.38 10.25 9.19
C12 J80 F . 21.39 7.43 7.43
C13 J80 F . 20.44 8.27 6.63
C14 J80 F . 19.43 7.42 5.91
C15 J80 F . 18.36 7.05 6.89
O16 J80 F . 17.09 7.12 6.23
C17 J80 F . 16.53 5.93 5.87
C18 J80 F . 16.59 4.81 6.68
C19 J80 F . 16.17 3.58 6.17
C20 J80 F . 15.72 3.47 4.86
C21 J80 F . 15.65 4.60 4.05
C22 J80 F . 16.06 5.85 4.58
C23 J80 F . 15.41 2.22 4.34
O24 J80 F . 15.29 2.04 3.12
O25 J80 F . 15.18 1.17 5.31
C26 J80 F . 15.52 -0.14 4.99
C27 J80 F . 16.94 -0.74 5.18
C1 MYR G . 14.64 38.34 8.47
O1 MYR G . 14.83 37.39 9.23
C2 MYR G . 14.99 39.75 8.90
C3 MYR G . 14.50 40.05 10.31
C4 MYR G . 15.40 39.44 11.41
C5 MYR G . 14.79 39.75 12.78
C6 MYR G . 15.70 39.39 13.95
C7 MYR G . 16.04 37.89 13.94
C8 MYR G . 16.71 37.48 15.27
C9 MYR G . 17.07 36.00 15.17
C10 MYR G . 18.38 35.85 14.38
C11 MYR G . 18.53 34.44 13.82
C12 MYR G . 20.00 34.06 13.62
C13 MYR G . 20.02 32.60 13.17
C14 MYR G . 21.45 32.08 12.88
#